data_7SD0
#
_entry.id   7SD0
#
_cell.length_a   1.00
_cell.length_b   1.00
_cell.length_c   1.00
_cell.angle_alpha   90.00
_cell.angle_beta   90.00
_cell.angle_gamma   90.00
#
_symmetry.space_group_name_H-M   'P 1'
#
loop_
_entity.id
_entity.type
_entity.pdbx_description
1 polymer 'Leucine-rich repeat protein SHOC-2'
2 polymer 'Ras-related protein M-Ras'
3 polymer 'Serine/threonine-protein phosphatase PP1-gamma catalytic subunit'
4 non-polymer 'PHOSPHOMETHYLPHOSPHONIC ACID GUANYLATE ESTER'
5 non-polymer 'MAGNESIUM ION'
6 non-polymer 'MANGANESE (II) ION'
#
loop_
_entity_poly.entity_id
_entity_poly.type
_entity_poly.pdbx_seq_one_letter_code
_entity_poly.pdbx_strand_id
1 'polypeptide(L)'
;GSSSLGKEKDSKEKDPKVPSAKEREKEAKASGGFGKESKEKEPKTKGKDAKDGKKDSSAAQPGVAFSVDNTIKRPNPAPG
TRKKSSNAEVIKELNKCREENSMRLDLSKRSIHILPSSIKELTQLTELYLYSNKLQSLPAEVGCLVNLMTLALSENSLTS
LPDSLDNLKKLRMLDLRHNKLREIPSVVYRLDSLTTLYLRFNRITTVEKDIKNLSKLSMLSIRENKIKQLPAEIGELCNL
ITLDVAHNQLEHLPKEIGNCTQITNLDLQHNELLDLPDTIGNLSSLSRLGLRYNRLSAIPRSLAKCSALEELNLENNNIS
TLPESLLSSLVKLNSLTLARNCFQLYPVGGPSQFSTIYSLNMEHNRINKIPFGIFSRAKVLSKLNMKDNQLTSLPLDFGT
WTSMVELNLATNQLTKIPEDVSGLVSLEVLILSNNLLKKLPHGLGNLRKLRELDLEENKLESLPNEIAYLKDLQKLVLTN
NQLTTLPRGIGHLTNLTHLGLGENLLTHLPEEIGTLENLEELYLNDNPNLHSLPFELALCSKLSIMSIENCPLSHLPPQI
VAGGPSFIIQFLKMQGPYRAMVGNS
;
A
2 'polypeptide(L)'
;GSMATSAVPSDNLPTYKLVVVGDGGVGKSALTIQFFQKIFVPDYDPTIEDSYLKHTEIDNQWAILDVLDTAGQEEFSAMR
EQYMRTGDGFLIVYSVTDKASFEHVDRFHQLILRVKDRESFPMILVANKVDLMHLRKITREQGKEMATKHNIPYIETSAK
DPPLNVDKAFHDLVRVIRQQIPEKSQKKKKKTKWRGDRATGTHKLQCVIL
;
B
3 'polypeptide(L)'
;GSMADLDKLNIDSIIQRLLEVRGSKPGKNVQLQENEIRGLCLKSREIFLSQPILLELEAPLKICGDIHGQYYDLLRLFEY
GGFPPESNYLFLGDYVDRGKQSLETICLLLAYKIKYPENFFLLRGNHECASINRIYGFYDECKRRYNIKLWKTFTDCFNC
LPIAAIVDEKIFCCHGGLSPDLQSMEQIRRIMRPTDVPDQGLLCDLLWSDPDKDVLGWGENDRGVSFTFGAEVVAKFLHK
HDLDLICRAHQVVEDGYEFFAKRQLVTLFSAPNYCGEFDNAGAMMSVDETLMCSFQILKPAEKKKPNATRPVTPPRGMIT
KQAKK
;
C
#
loop_
_chem_comp.id
_chem_comp.type
_chem_comp.name
_chem_comp.formula
GCP non-polymer 'PHOSPHOMETHYLPHOSPHONIC ACID GUANYLATE ESTER' 'C11 H18 N5 O13 P3'
MG non-polymer 'MAGNESIUM ION' 'Mg 2'
MN non-polymer 'MANGANESE (II) ION' 'Mn 2'
#
# COMPACT_ATOMS: atom_id res chain seq x y z
N GLY A 63 -2.16 -32.27 -12.54
CA GLY A 63 -3.21 -31.32 -12.81
C GLY A 63 -4.38 -31.48 -11.86
N VAL A 64 -5.01 -30.37 -11.48
CA VAL A 64 -6.12 -30.42 -10.55
C VAL A 64 -7.29 -31.18 -11.17
N ALA A 65 -8.00 -31.94 -10.36
CA ALA A 65 -9.11 -32.73 -10.88
C ALA A 65 -10.28 -32.63 -9.93
N PHE A 66 -11.49 -32.88 -10.43
CA PHE A 66 -12.66 -32.72 -9.58
C PHE A 66 -13.33 -34.04 -9.26
N SER A 67 -13.61 -34.26 -7.98
CA SER A 67 -14.28 -35.48 -7.57
C SER A 67 -15.73 -35.52 -8.05
N SER A 86 8.42 -18.21 -28.91
CA SER A 86 9.49 -17.35 -28.45
C SER A 86 10.84 -17.83 -28.94
N ASN A 87 10.95 -19.14 -29.18
CA ASN A 87 12.24 -19.70 -29.56
C ASN A 87 12.76 -19.14 -30.89
N ALA A 88 11.88 -18.97 -31.86
CA ALA A 88 12.32 -18.42 -33.13
C ALA A 88 12.87 -17.00 -32.95
N GLU A 89 12.18 -16.19 -32.16
CA GLU A 89 12.63 -14.82 -31.96
C GLU A 89 13.97 -14.79 -31.27
N VAL A 90 14.14 -15.60 -30.24
CA VAL A 90 15.39 -15.56 -29.49
C VAL A 90 16.60 -16.01 -30.31
N ILE A 91 16.43 -17.05 -31.13
CA ILE A 91 17.55 -17.54 -31.91
C ILE A 91 18.04 -16.47 -32.88
N LYS A 92 17.11 -15.71 -33.45
CA LYS A 92 17.49 -14.63 -34.36
C LYS A 92 18.31 -13.57 -33.63
N GLU A 93 17.91 -13.23 -32.41
CA GLU A 93 18.65 -12.24 -31.65
C GLU A 93 20.08 -12.71 -31.38
N LEU A 94 20.24 -13.99 -31.06
CA LEU A 94 21.59 -14.52 -30.82
C LEU A 94 22.43 -14.41 -32.07
N ASN A 95 21.83 -14.74 -33.22
CA ASN A 95 22.58 -14.70 -34.47
C ASN A 95 23.02 -13.28 -34.75
N LYS A 96 22.13 -12.33 -34.52
CA LYS A 96 22.47 -10.94 -34.76
C LYS A 96 23.60 -10.51 -33.85
N CYS A 97 23.53 -10.88 -32.57
CA CYS A 97 24.54 -10.47 -31.61
C CYS A 97 25.85 -11.11 -31.97
N ARG A 98 25.80 -12.31 -32.54
CA ARG A 98 27.02 -13.03 -32.90
C ARG A 98 27.72 -12.35 -34.06
N GLU A 99 26.94 -11.83 -35.01
CA GLU A 99 27.53 -11.12 -36.13
C GLU A 99 28.23 -9.85 -35.69
N GLU A 100 27.49 -8.94 -35.05
CA GLU A 100 28.06 -7.66 -34.66
C GLU A 100 29.06 -7.80 -33.54
N ASN A 101 29.19 -9.01 -32.98
CA ASN A 101 30.11 -9.26 -31.88
C ASN A 101 29.84 -8.31 -30.72
N SER A 102 28.57 -8.02 -30.47
CA SER A 102 28.23 -7.09 -29.42
C SER A 102 28.44 -7.67 -28.05
N MET A 103 28.87 -6.84 -27.12
CA MET A 103 29.07 -7.29 -25.76
C MET A 103 27.75 -7.57 -25.07
N ARG A 104 26.65 -7.14 -25.69
CA ARG A 104 25.35 -7.29 -25.04
C ARG A 104 24.35 -8.11 -25.84
N LEU A 105 23.66 -9.03 -25.18
CA LEU A 105 22.62 -9.79 -25.85
C LEU A 105 21.41 -9.68 -24.96
N ASP A 106 20.34 -9.08 -25.47
CA ASP A 106 19.15 -8.89 -24.66
C ASP A 106 18.02 -9.77 -25.14
N LEU A 107 17.58 -10.68 -24.30
CA LEU A 107 16.45 -11.53 -24.64
C LEU A 107 15.32 -11.29 -23.68
N SER A 108 15.38 -10.20 -22.93
CA SER A 108 14.36 -9.91 -21.92
C SER A 108 12.95 -9.66 -22.43
N LYS A 109 11.95 -10.07 -21.66
CA LYS A 109 10.55 -9.85 -22.01
C LYS A 109 10.11 -10.57 -23.26
N ARG A 110 10.81 -11.62 -23.64
CA ARG A 110 10.42 -12.39 -24.80
C ARG A 110 9.74 -13.69 -24.37
N SER A 111 9.54 -13.87 -23.07
CA SER A 111 8.89 -15.08 -22.56
C SER A 111 9.48 -16.42 -22.99
N ILE A 112 10.81 -16.57 -22.91
CA ILE A 112 11.43 -17.81 -23.38
C ILE A 112 11.36 -18.93 -22.37
N HIS A 113 10.73 -20.04 -22.71
CA HIS A 113 10.70 -21.18 -21.82
C HIS A 113 12.07 -21.84 -21.65
N ILE A 114 12.80 -22.02 -22.74
CA ILE A 114 14.12 -22.63 -22.69
C ILE A 114 15.16 -21.79 -23.41
N LEU A 115 16.26 -21.45 -22.76
CA LEU A 115 17.31 -20.72 -23.45
C LEU A 115 17.99 -21.71 -24.37
N PRO A 116 18.20 -21.33 -25.61
CA PRO A 116 18.76 -22.29 -26.56
C PRO A 116 20.20 -22.69 -26.28
N SER A 117 20.60 -23.87 -26.73
CA SER A 117 21.97 -24.34 -26.54
C SER A 117 22.95 -23.52 -27.34
N SER A 118 22.46 -22.79 -28.34
CA SER A 118 23.33 -22.00 -29.20
C SER A 118 24.03 -20.86 -28.47
N ILE A 119 23.61 -20.58 -27.25
CA ILE A 119 24.19 -19.49 -26.48
C ILE A 119 25.69 -19.73 -26.31
N LYS A 120 26.13 -20.98 -26.34
CA LYS A 120 27.53 -21.31 -26.16
C LYS A 120 28.46 -20.67 -27.19
N GLU A 121 28.01 -20.55 -28.44
CA GLU A 121 28.86 -20.01 -29.49
C GLU A 121 29.34 -18.58 -29.23
N LEU A 122 28.50 -17.75 -28.62
CA LEU A 122 28.87 -16.36 -28.38
C LEU A 122 29.71 -16.22 -27.13
N THR A 123 30.96 -16.68 -27.18
CA THR A 123 31.81 -16.65 -25.99
C THR A 123 32.14 -15.27 -25.45
N GLN A 124 32.40 -14.32 -26.33
CA GLN A 124 32.80 -12.97 -25.92
C GLN A 124 31.64 -12.05 -25.59
N LEU A 125 30.73 -12.48 -24.73
CA LEU A 125 29.57 -11.68 -24.45
C LEU A 125 29.69 -11.17 -23.05
N THR A 126 29.96 -9.88 -22.89
CA THR A 126 30.18 -9.37 -21.56
C THR A 126 28.92 -9.49 -20.72
N GLU A 127 27.76 -9.22 -21.30
CA GLU A 127 26.53 -9.26 -20.51
C GLU A 127 25.35 -9.95 -21.17
N LEU A 128 24.57 -10.68 -20.39
CA LEU A 128 23.38 -11.34 -20.92
C LEU A 128 22.17 -11.01 -20.08
N TYR A 129 21.07 -10.62 -20.73
CA TYR A 129 19.85 -10.31 -19.99
C TYR A 129 18.72 -11.23 -20.44
N LEU A 130 18.20 -12.03 -19.51
CA LEU A 130 17.11 -12.94 -19.82
C LEU A 130 15.93 -12.76 -18.87
N TYR A 131 15.79 -11.58 -18.28
CA TYR A 131 14.74 -11.39 -17.27
C TYR A 131 13.32 -11.41 -17.82
N SER A 132 12.34 -11.67 -16.95
CA SER A 132 10.93 -11.73 -17.36
C SER A 132 10.67 -12.70 -18.49
N ASN A 133 11.24 -13.89 -18.38
CA ASN A 133 11.03 -14.92 -19.39
C ASN A 133 10.56 -16.15 -18.63
N LYS A 134 10.16 -17.20 -19.31
CA LYS A 134 9.60 -18.37 -18.63
C LYS A 134 10.59 -19.49 -18.34
N LEU A 135 11.87 -19.18 -18.32
CA LEU A 135 12.89 -20.21 -18.12
C LEU A 135 12.72 -20.96 -16.81
N GLN A 136 12.81 -22.29 -16.86
CA GLN A 136 12.76 -23.07 -15.63
C GLN A 136 14.14 -23.55 -15.24
N SER A 137 14.98 -23.86 -16.22
CA SER A 137 16.34 -24.25 -15.94
C SER A 137 17.28 -23.70 -17.02
N LEU A 138 18.46 -23.26 -16.62
CA LEU A 138 19.45 -22.81 -17.60
C LEU A 138 20.12 -23.97 -18.31
N PRO A 139 20.50 -23.80 -19.58
CA PRO A 139 21.25 -24.86 -20.23
C PRO A 139 22.69 -24.90 -19.71
N ALA A 140 23.38 -26.03 -19.86
CA ALA A 140 24.73 -26.15 -19.31
C ALA A 140 25.80 -25.56 -20.20
N GLU A 141 25.37 -24.78 -21.18
CA GLU A 141 26.32 -24.17 -22.10
C GLU A 141 26.66 -22.77 -21.65
N VAL A 142 26.08 -22.34 -20.54
CA VAL A 142 26.40 -21.04 -20.01
C VAL A 142 27.88 -21.06 -19.64
N GLY A 143 28.38 -22.22 -19.21
CA GLY A 143 29.76 -22.32 -18.78
C GLY A 143 30.76 -21.92 -19.85
N CYS A 144 30.41 -22.14 -21.12
CA CYS A 144 31.30 -21.82 -22.23
C CYS A 144 31.67 -20.35 -22.30
N LEU A 145 30.75 -19.46 -21.95
CA LEU A 145 31.00 -18.03 -22.09
C LEU A 145 31.79 -17.51 -20.91
N VAL A 146 33.08 -17.79 -20.88
CA VAL A 146 33.94 -17.32 -19.80
C VAL A 146 34.03 -15.80 -19.77
N ASN A 147 34.12 -15.18 -20.95
CA ASN A 147 34.21 -13.74 -21.02
C ASN A 147 32.84 -13.17 -20.77
N LEU A 148 32.38 -13.22 -19.53
CA LEU A 148 31.05 -12.74 -19.18
C LEU A 148 31.11 -12.18 -17.76
N MET A 149 30.39 -11.07 -17.54
CA MET A 149 30.41 -10.40 -16.24
C MET A 149 29.03 -10.10 -15.68
N THR A 150 28.00 -9.96 -16.49
CA THR A 150 26.66 -9.59 -16.03
C THR A 150 25.64 -10.59 -16.54
N LEU A 151 24.84 -11.14 -15.64
CA LEU A 151 23.78 -12.08 -15.98
C LEU A 151 22.51 -11.66 -15.28
N ALA A 152 21.41 -11.57 -16.03
CA ALA A 152 20.11 -11.14 -15.51
C ALA A 152 19.08 -12.23 -15.81
N LEU A 153 18.59 -12.88 -14.75
CA LEU A 153 17.63 -13.96 -14.88
C LEU A 153 16.40 -13.76 -13.99
N SER A 154 16.19 -12.52 -13.51
CA SER A 154 15.13 -12.28 -12.54
C SER A 154 13.75 -12.45 -13.17
N GLU A 155 12.75 -12.62 -12.31
CA GLU A 155 11.36 -12.79 -12.71
C GLU A 155 11.18 -13.97 -13.67
N ASN A 156 11.80 -15.09 -13.33
CA ASN A 156 11.65 -16.34 -14.05
C ASN A 156 11.14 -17.42 -13.09
N SER A 157 11.08 -18.66 -13.58
CA SER A 157 10.66 -19.80 -12.78
C SER A 157 11.82 -20.78 -12.57
N LEU A 158 13.01 -20.25 -12.35
CA LEU A 158 14.18 -21.08 -12.15
C LEU A 158 14.09 -21.85 -10.84
N THR A 159 14.68 -23.04 -10.84
CA THR A 159 14.78 -23.87 -9.64
C THR A 159 16.18 -24.33 -9.33
N SER A 160 17.08 -24.41 -10.32
CA SER A 160 18.46 -24.83 -10.08
C SER A 160 19.34 -24.26 -11.18
N LEU A 161 20.64 -24.25 -10.91
CA LEU A 161 21.63 -23.72 -11.85
C LEU A 161 22.61 -24.82 -12.26
N PRO A 162 23.06 -24.82 -13.51
CA PRO A 162 24.01 -25.85 -13.94
C PRO A 162 25.33 -25.74 -13.21
N ASP A 163 25.98 -26.89 -13.01
CA ASP A 163 27.26 -26.92 -12.31
C ASP A 163 28.37 -26.38 -13.21
N SER A 164 28.19 -26.46 -14.53
CA SER A 164 29.20 -25.96 -15.46
C SER A 164 29.34 -24.45 -15.39
N LEU A 165 28.41 -23.76 -14.73
CA LEU A 165 28.49 -22.32 -14.57
C LEU A 165 29.67 -21.88 -13.72
N ASP A 166 30.31 -22.82 -13.00
CA ASP A 166 31.50 -22.49 -12.21
C ASP A 166 32.68 -22.05 -13.09
N ASN A 167 32.65 -22.40 -14.38
CA ASN A 167 33.75 -22.06 -15.28
C ASN A 167 33.86 -20.56 -15.56
N LEU A 168 32.86 -19.77 -15.17
CA LEU A 168 32.86 -18.33 -15.44
C LEU A 168 33.67 -17.65 -14.34
N LYS A 169 34.95 -17.42 -14.64
CA LYS A 169 35.87 -16.78 -13.70
C LYS A 169 35.81 -15.27 -13.75
N LYS A 170 34.98 -14.69 -14.62
CA LYS A 170 34.88 -13.25 -14.75
C LYS A 170 33.51 -12.69 -14.43
N LEU A 171 32.54 -13.53 -14.07
CA LEU A 171 31.21 -13.04 -13.75
C LEU A 171 31.22 -12.28 -12.44
N ARG A 172 30.60 -11.09 -12.45
CA ARG A 172 30.53 -10.25 -11.26
C ARG A 172 29.13 -9.75 -10.93
N MET A 173 28.14 -10.04 -11.77
CA MET A 173 26.77 -9.58 -11.52
C MET A 173 25.80 -10.68 -11.92
N LEU A 174 24.94 -11.09 -10.98
CA LEU A 174 23.95 -12.12 -11.21
C LEU A 174 22.62 -11.68 -10.62
N ASP A 175 21.57 -11.74 -11.43
CA ASP A 175 20.24 -11.29 -11.04
C ASP A 175 19.30 -12.49 -11.09
N LEU A 176 18.77 -12.88 -9.93
CA LEU A 176 17.88 -14.03 -9.82
C LEU A 176 16.70 -13.74 -8.91
N ARG A 177 16.16 -12.53 -8.95
CA ARG A 177 15.00 -12.20 -8.13
C ARG A 177 13.74 -12.83 -8.71
N HIS A 178 12.72 -12.94 -7.86
CA HIS A 178 11.38 -13.32 -8.27
C HIS A 178 11.38 -14.66 -9.02
N ASN A 179 11.97 -15.68 -8.39
CA ASN A 179 12.11 -17.00 -8.98
C ASN A 179 11.57 -18.05 -8.03
N LYS A 180 11.51 -19.29 -8.52
CA LYS A 180 11.04 -20.42 -7.75
C LYS A 180 12.18 -21.17 -7.06
N LEU A 181 13.33 -20.54 -6.85
CA LEU A 181 14.45 -21.18 -6.18
C LEU A 181 14.07 -21.60 -4.77
N ARG A 182 14.38 -22.85 -4.43
CA ARG A 182 14.10 -23.39 -3.11
C ARG A 182 15.28 -23.27 -2.15
N GLU A 183 16.51 -23.30 -2.66
CA GLU A 183 17.69 -23.09 -1.84
C GLU A 183 18.77 -22.47 -2.72
N ILE A 184 19.74 -21.82 -2.08
CA ILE A 184 20.84 -21.21 -2.81
C ILE A 184 21.65 -22.33 -3.46
N PRO A 185 21.80 -22.32 -4.78
CA PRO A 185 22.53 -23.41 -5.43
C PRO A 185 23.98 -23.46 -5.00
N SER A 186 24.54 -24.68 -4.98
CA SER A 186 25.94 -24.85 -4.65
C SER A 186 26.85 -24.27 -5.73
N VAL A 187 26.33 -24.05 -6.94
CA VAL A 187 27.14 -23.48 -8.01
C VAL A 187 27.54 -22.05 -7.67
N VAL A 188 26.61 -21.26 -7.12
CA VAL A 188 26.90 -19.88 -6.77
C VAL A 188 28.03 -19.81 -5.75
N TYR A 189 28.15 -20.83 -4.91
CA TYR A 189 29.18 -20.86 -3.88
C TYR A 189 30.59 -21.04 -4.45
N ARG A 190 30.72 -21.35 -5.73
CA ARG A 190 32.02 -21.60 -6.35
C ARG A 190 32.31 -20.55 -7.43
N LEU A 191 32.02 -19.28 -7.13
CA LEU A 191 32.31 -18.16 -8.02
C LEU A 191 33.02 -17.09 -7.20
N ASP A 192 34.33 -16.98 -7.37
CA ASP A 192 35.10 -15.99 -6.61
C ASP A 192 34.89 -14.57 -7.15
N SER A 193 34.73 -14.42 -8.46
CA SER A 193 34.69 -13.11 -9.08
C SER A 193 33.36 -12.39 -8.88
N LEU A 194 32.35 -13.06 -8.34
CA LEU A 194 31.03 -12.44 -8.21
C LEU A 194 31.07 -11.26 -7.24
N THR A 195 30.35 -10.19 -7.57
CA THR A 195 30.30 -8.99 -6.76
C THR A 195 28.89 -8.59 -6.35
N THR A 196 27.89 -8.75 -7.22
CA THR A 196 26.52 -8.39 -6.91
C THR A 196 25.62 -9.60 -7.12
N LEU A 197 24.79 -9.89 -6.12
CA LEU A 197 23.89 -11.05 -6.18
C LEU A 197 22.49 -10.62 -5.77
N TYR A 198 21.51 -10.94 -6.61
CA TYR A 198 20.11 -10.61 -6.36
C TYR A 198 19.32 -11.90 -6.23
N LEU A 199 19.00 -12.27 -5.00
CA LEU A 199 18.17 -13.46 -4.70
C LEU A 199 16.98 -12.99 -3.87
N ARG A 200 15.93 -12.52 -4.54
CA ARG A 200 14.77 -11.98 -3.86
C ARG A 200 13.50 -12.63 -4.39
N PHE A 201 12.47 -12.63 -3.53
CA PHE A 201 11.16 -13.19 -3.87
C PHE A 201 11.27 -14.64 -4.31
N ASN A 202 11.97 -15.44 -3.52
CA ASN A 202 12.14 -16.86 -3.82
C ASN A 202 11.65 -17.68 -2.64
N ARG A 203 11.93 -18.98 -2.66
CA ARG A 203 11.56 -19.88 -1.57
C ARG A 203 12.80 -20.43 -0.88
N ILE A 204 13.82 -19.58 -0.74
CA ILE A 204 15.07 -19.99 -0.11
C ILE A 204 14.81 -20.22 1.37
N THR A 205 15.21 -21.39 1.87
CA THR A 205 14.99 -21.75 3.27
C THR A 205 16.27 -21.81 4.08
N THR A 206 17.42 -22.03 3.44
CA THR A 206 18.67 -22.15 4.15
C THR A 206 19.78 -21.46 3.35
N VAL A 207 20.81 -21.02 4.07
CA VAL A 207 21.99 -20.39 3.48
C VAL A 207 23.20 -21.17 3.98
N GLU A 208 23.93 -21.78 3.04
CA GLU A 208 25.01 -22.69 3.39
C GLU A 208 26.19 -21.92 3.99
N LYS A 209 27.19 -22.69 4.44
CA LYS A 209 28.37 -22.15 5.09
C LYS A 209 29.51 -21.86 4.12
N ASP A 210 29.38 -22.26 2.85
CA ASP A 210 30.47 -22.11 1.88
C ASP A 210 30.31 -20.83 1.06
N ILE A 211 30.22 -19.70 1.77
CA ILE A 211 30.26 -18.38 1.15
C ILE A 211 31.62 -17.70 1.32
N LYS A 212 32.55 -18.35 2.00
CA LYS A 212 33.92 -17.81 2.09
C LYS A 212 34.53 -17.63 0.71
N ASN A 213 34.13 -18.47 -0.25
CA ASN A 213 34.61 -18.32 -1.63
C ASN A 213 34.12 -17.03 -2.27
N LEU A 214 33.04 -16.45 -1.76
CA LEU A 214 32.48 -15.22 -2.32
C LEU A 214 33.10 -13.97 -1.69
N SER A 215 34.43 -13.91 -1.68
CA SER A 215 35.11 -12.79 -1.02
C SER A 215 34.95 -11.48 -1.77
N LYS A 216 34.72 -11.54 -3.09
CA LYS A 216 34.56 -10.34 -3.90
C LYS A 216 33.12 -9.84 -3.95
N LEU A 217 32.20 -10.51 -3.26
CA LEU A 217 30.80 -10.11 -3.28
C LEU A 217 30.63 -8.76 -2.58
N SER A 218 29.79 -7.91 -3.17
CA SER A 218 29.53 -6.58 -2.63
C SER A 218 28.05 -6.25 -2.49
N MET A 219 27.17 -6.87 -3.28
CA MET A 219 25.73 -6.59 -3.23
C MET A 219 24.99 -7.91 -3.09
N LEU A 220 24.43 -8.15 -1.90
CA LEU A 220 23.64 -9.34 -1.63
C LEU A 220 22.28 -8.91 -1.09
N SER A 221 21.21 -9.33 -1.76
CA SER A 221 19.87 -8.91 -1.39
C SER A 221 18.95 -10.13 -1.34
N ILE A 222 18.21 -10.26 -0.24
CA ILE A 222 17.18 -11.28 -0.10
C ILE A 222 15.95 -10.62 0.53
N ARG A 223 14.90 -10.45 -0.26
CA ARG A 223 13.73 -9.63 0.08
C ARG A 223 12.52 -10.43 0.51
N GLU A 224 12.22 -11.55 -0.15
CA GLU A 224 11.09 -12.40 0.21
C GLU A 224 11.57 -13.85 0.18
N ASN A 225 12.05 -14.34 1.31
CA ASN A 225 12.58 -15.69 1.39
C ASN A 225 12.28 -16.25 2.78
N LYS A 226 12.43 -17.57 2.91
CA LYS A 226 12.06 -18.28 4.13
C LYS A 226 13.26 -18.85 4.88
N ILE A 227 14.39 -18.11 4.90
CA ILE A 227 15.51 -18.51 5.72
C ILE A 227 15.11 -18.42 7.19
N LYS A 228 15.72 -19.26 8.02
CA LYS A 228 15.50 -19.21 9.46
C LYS A 228 16.74 -18.84 10.25
N GLN A 229 17.93 -18.97 9.67
CA GLN A 229 19.17 -18.68 10.37
C GLN A 229 20.26 -18.33 9.37
N LEU A 230 21.11 -17.37 9.74
CA LEU A 230 22.24 -16.95 8.92
C LEU A 230 23.52 -17.65 9.36
N PRO A 231 24.27 -18.21 8.41
CA PRO A 231 25.50 -18.92 8.77
C PRO A 231 26.52 -18.00 9.43
N ALA A 232 27.30 -18.58 10.35
CA ALA A 232 28.30 -17.84 11.09
C ALA A 232 29.42 -17.30 10.20
N GLU A 233 29.64 -17.89 9.03
CA GLU A 233 30.71 -17.48 8.14
C GLU A 233 30.48 -16.12 7.49
N ILE A 234 29.27 -15.56 7.62
CA ILE A 234 28.93 -14.35 6.88
C ILE A 234 29.78 -13.17 7.34
N GLY A 235 30.37 -13.26 8.54
CA GLY A 235 31.18 -12.18 9.07
C GLY A 235 32.47 -11.93 8.32
N GLU A 236 32.88 -12.85 7.44
CA GLU A 236 34.10 -12.70 6.67
C GLU A 236 33.89 -11.96 5.35
N LEU A 237 32.67 -11.47 5.09
CA LEU A 237 32.36 -10.76 3.85
C LEU A 237 32.84 -9.33 3.99
N CYS A 238 34.13 -9.12 3.72
CA CYS A 238 34.72 -7.79 3.89
C CYS A 238 34.32 -6.85 2.76
N ASN A 239 34.15 -7.38 1.55
CA ASN A 239 33.84 -6.57 0.39
C ASN A 239 32.35 -6.26 0.24
N LEU A 240 31.52 -6.77 1.13
CA LEU A 240 30.08 -6.56 1.00
C LEU A 240 29.72 -5.11 1.32
N ILE A 241 28.91 -4.51 0.47
CA ILE A 241 28.53 -3.10 0.60
C ILE A 241 27.10 -2.95 1.10
N THR A 242 26.17 -3.74 0.58
CA THR A 242 24.77 -3.68 1.00
C THR A 242 24.27 -5.09 1.28
N LEU A 243 23.64 -5.27 2.44
CA LEU A 243 23.01 -6.53 2.81
C LEU A 243 21.52 -6.29 3.02
N ASP A 244 20.71 -6.90 2.17
CA ASP A 244 19.25 -6.72 2.20
C ASP A 244 18.62 -8.04 2.63
N VAL A 245 18.28 -8.14 3.90
CA VAL A 245 17.66 -9.34 4.45
C VAL A 245 16.36 -8.91 5.11
N ALA A 246 15.27 -8.94 4.35
CA ALA A 246 13.96 -8.55 4.85
C ALA A 246 12.96 -9.66 4.56
N HIS A 247 11.91 -9.71 5.39
CA HIS A 247 10.85 -10.71 5.26
C HIS A 247 11.42 -12.12 5.22
N ASN A 248 12.36 -12.40 6.12
CA ASN A 248 13.15 -13.62 6.04
C ASN A 248 13.20 -14.38 7.35
N GLN A 249 12.15 -14.27 8.17
CA GLN A 249 11.90 -15.14 9.31
C GLN A 249 13.12 -15.37 10.20
N LEU A 250 14.07 -14.43 10.22
CA LEU A 250 15.29 -14.64 10.99
C LEU A 250 15.02 -14.47 12.48
N GLU A 251 15.30 -15.51 13.24
CA GLU A 251 15.17 -15.44 14.69
C GLU A 251 16.35 -14.76 15.36
N HIS A 252 17.53 -14.78 14.74
CA HIS A 252 18.72 -14.20 15.33
C HIS A 252 19.66 -13.73 14.22
N LEU A 253 20.61 -12.88 14.60
CA LEU A 253 21.67 -12.43 13.72
C LEU A 253 23.01 -12.92 14.22
N PRO A 254 23.92 -13.32 13.32
CA PRO A 254 25.27 -13.69 13.76
C PRO A 254 25.96 -12.55 14.46
N LYS A 255 26.69 -12.88 15.54
CA LYS A 255 27.32 -11.84 16.34
C LYS A 255 28.52 -11.22 15.62
N GLU A 256 29.11 -11.94 14.69
CA GLU A 256 30.33 -11.49 14.02
C GLU A 256 30.09 -10.87 12.65
N ILE A 257 28.83 -10.58 12.29
CA ILE A 257 28.57 -9.89 11.04
C ILE A 257 29.07 -8.46 11.08
N GLY A 258 29.33 -7.92 12.27
CA GLY A 258 29.84 -6.58 12.42
C GLY A 258 31.30 -6.40 12.05
N ASN A 259 31.97 -7.48 11.66
CA ASN A 259 33.37 -7.40 11.24
C ASN A 259 33.53 -7.03 9.77
N CYS A 260 32.43 -6.85 9.04
CA CYS A 260 32.52 -6.44 7.65
C CYS A 260 33.04 -5.01 7.53
N THR A 261 32.49 -4.09 8.33
CA THR A 261 32.88 -2.68 8.36
C THR A 261 32.82 -2.02 7.00
N GLN A 262 32.00 -2.53 6.08
CA GLN A 262 31.90 -1.98 4.74
C GLN A 262 30.46 -1.95 4.24
N ILE A 263 29.48 -2.05 5.13
CA ILE A 263 28.07 -2.05 4.76
C ILE A 263 27.42 -0.77 5.25
N THR A 264 26.74 -0.08 4.35
CA THR A 264 25.99 1.12 4.69
C THR A 264 24.49 0.99 4.44
N ASN A 265 24.04 -0.14 3.90
CA ASN A 265 22.63 -0.37 3.56
C ASN A 265 22.23 -1.75 4.08
N LEU A 266 21.73 -1.80 5.32
CA LEU A 266 21.28 -3.03 5.94
C LEU A 266 19.79 -2.89 6.27
N ASP A 267 18.97 -3.77 5.70
CA ASP A 267 17.53 -3.76 5.92
C ASP A 267 17.10 -5.09 6.51
N LEU A 268 16.34 -5.05 7.59
CA LEU A 268 15.82 -6.23 8.27
C LEU A 268 14.34 -6.06 8.55
N GLN A 269 13.59 -5.59 7.55
CA GLN A 269 12.19 -5.27 7.73
C GLN A 269 11.33 -6.53 7.63
N HIS A 270 10.30 -6.59 8.48
CA HIS A 270 9.31 -7.67 8.46
C HIS A 270 9.94 -9.03 8.72
N ASN A 271 11.02 -9.06 9.50
CA ASN A 271 11.60 -10.31 9.94
C ASN A 271 11.03 -10.66 11.32
N GLU A 272 11.61 -11.67 11.96
CA GLU A 272 11.18 -12.09 13.29
C GLU A 272 12.33 -12.01 14.29
N LEU A 273 13.18 -11.00 14.14
CA LEU A 273 14.32 -10.85 15.03
C LEU A 273 13.87 -10.60 16.46
N LEU A 274 14.61 -11.19 17.41
CA LEU A 274 14.33 -10.97 18.83
C LEU A 274 15.32 -10.02 19.49
N ASP A 275 16.54 -9.93 18.96
CA ASP A 275 17.56 -9.06 19.53
C ASP A 275 18.60 -8.75 18.46
N LEU A 276 19.43 -7.74 18.76
CA LEU A 276 20.47 -7.32 17.83
C LEU A 276 21.85 -7.62 18.41
N PRO A 277 22.80 -8.06 17.58
CA PRO A 277 24.16 -8.28 18.07
C PRO A 277 24.81 -6.97 18.50
N ASP A 278 25.66 -7.07 19.52
CA ASP A 278 26.36 -5.89 20.05
C ASP A 278 27.50 -5.43 19.14
N THR A 279 27.88 -6.22 18.16
CA THR A 279 29.00 -5.83 17.32
C THR A 279 28.55 -5.00 16.14
N ILE A 280 27.24 -4.83 15.99
CA ILE A 280 26.75 -3.98 14.91
C ILE A 280 27.22 -2.54 15.08
N GLY A 281 27.65 -2.16 16.28
CA GLY A 281 28.18 -0.84 16.52
C GLY A 281 29.58 -0.60 15.98
N ASN A 282 30.25 -1.66 15.54
CA ASN A 282 31.56 -1.50 14.92
C ASN A 282 31.47 -1.04 13.48
N LEU A 283 30.26 -0.92 12.93
CA LEU A 283 30.07 -0.42 11.57
C LEU A 283 30.17 1.10 11.62
N SER A 284 31.32 1.63 11.21
CA SER A 284 31.54 3.08 11.28
C SER A 284 30.60 3.83 10.36
N SER A 285 30.39 3.33 9.14
CA SER A 285 29.59 4.00 8.13
C SER A 285 28.36 3.16 7.85
N LEU A 286 27.21 3.57 8.40
CA LEU A 286 25.93 2.94 8.13
C LEU A 286 24.88 4.03 7.98
N SER A 287 24.19 4.06 6.85
CA SER A 287 23.22 5.10 6.54
C SER A 287 21.78 4.61 6.64
N ARG A 288 21.45 3.49 6.02
CA ARG A 288 20.10 2.98 5.96
C ARG A 288 20.00 1.73 6.82
N LEU A 289 19.06 1.71 7.76
CA LEU A 289 18.83 0.57 8.64
C LEU A 289 17.34 0.31 8.73
N GLY A 290 16.83 -0.55 7.83
CA GLY A 290 15.43 -0.94 7.89
C GLY A 290 15.22 -1.98 8.97
N LEU A 291 14.63 -1.57 10.09
CA LEU A 291 14.46 -2.48 11.22
C LEU A 291 13.06 -2.35 11.80
N ARG A 292 12.06 -2.51 10.96
CA ARG A 292 10.68 -2.43 11.40
C ARG A 292 9.98 -3.78 11.23
N TYR A 293 8.89 -3.95 11.99
CA TYR A 293 8.04 -5.14 11.93
C TYR A 293 8.78 -6.39 12.39
N ASN A 294 9.64 -6.22 13.38
CA ASN A 294 10.34 -7.33 14.02
C ASN A 294 10.12 -7.23 15.53
N ARG A 295 10.02 -8.39 16.17
CA ARG A 295 9.65 -8.44 17.59
C ARG A 295 10.81 -8.13 18.52
N LEU A 296 11.47 -6.99 18.34
CA LEU A 296 12.53 -6.59 19.26
C LEU A 296 11.96 -6.14 20.59
N SER A 297 12.76 -6.27 21.65
CA SER A 297 12.39 -5.75 22.95
C SER A 297 13.15 -4.47 23.30
N ALA A 298 14.34 -4.29 22.73
CA ALA A 298 15.15 -3.10 22.96
C ALA A 298 16.17 -3.01 21.82
N ILE A 299 17.07 -2.03 21.91
CA ILE A 299 18.10 -1.83 20.90
C ILE A 299 19.47 -1.79 21.58
N PRO A 300 20.52 -2.25 20.92
CA PRO A 300 21.85 -2.22 21.55
C PRO A 300 22.38 -0.81 21.69
N ARG A 301 23.13 -0.59 22.78
CA ARG A 301 23.75 0.70 23.00
C ARG A 301 24.86 0.98 21.98
N SER A 302 25.48 -0.09 21.47
CA SER A 302 26.59 0.08 20.54
C SER A 302 26.13 0.64 19.20
N LEU A 303 24.86 0.45 18.84
CA LEU A 303 24.38 0.91 17.54
C LEU A 303 24.48 2.42 17.37
N ALA A 304 24.60 3.17 18.47
CA ALA A 304 24.72 4.62 18.39
C ALA A 304 26.01 5.07 17.71
N LYS A 305 26.99 4.17 17.53
CA LYS A 305 28.24 4.54 16.89
C LYS A 305 28.09 4.79 15.40
N CYS A 306 26.99 4.38 14.79
CA CYS A 306 26.75 4.63 13.37
C CYS A 306 26.24 6.06 13.20
N SER A 307 27.12 6.95 12.77
CA SER A 307 26.80 8.37 12.65
C SER A 307 26.30 8.77 11.28
N ALA A 308 26.19 7.83 10.34
CA ALA A 308 25.72 8.13 9.00
C ALA A 308 24.24 7.87 8.80
N LEU A 309 23.52 7.50 9.87
CA LEU A 309 22.11 7.18 9.76
C LEU A 309 21.30 8.41 9.38
N GLU A 310 20.19 8.17 8.70
CA GLU A 310 19.29 9.25 8.31
C GLU A 310 17.85 9.01 8.74
N GLU A 311 17.38 7.77 8.71
CA GLU A 311 15.99 7.44 9.01
C GLU A 311 15.97 6.18 9.87
N LEU A 312 15.45 6.30 11.09
CA LEU A 312 15.33 5.18 12.01
C LEU A 312 13.86 4.82 12.13
N ASN A 313 13.48 3.67 11.60
CA ASN A 313 12.10 3.22 11.54
C ASN A 313 11.92 2.04 12.49
N LEU A 314 10.91 2.11 13.35
CA LEU A 314 10.68 1.11 14.39
C LEU A 314 9.21 0.71 14.49
N GLU A 315 8.55 0.47 13.36
CA GLU A 315 7.13 0.15 13.40
C GLU A 315 6.89 -1.28 13.87
N ASN A 316 5.84 -1.46 14.66
CA ASN A 316 5.42 -2.76 15.17
C ASN A 316 6.54 -3.48 15.91
N ASN A 317 7.23 -2.76 16.79
CA ASN A 317 8.30 -3.32 17.59
C ASN A 317 7.96 -3.16 19.07
N ASN A 318 8.10 -4.26 19.82
CA ASN A 318 7.77 -4.27 21.25
C ASN A 318 8.85 -3.52 22.03
N ILE A 319 8.86 -2.21 21.86
CA ILE A 319 9.85 -1.33 22.49
C ILE A 319 9.14 -0.41 23.46
N SER A 320 9.77 -0.17 24.60
CA SER A 320 9.25 0.75 25.60
C SER A 320 10.19 1.88 25.96
N THR A 321 11.50 1.75 25.70
CA THR A 321 12.45 2.81 26.01
C THR A 321 13.67 2.64 25.13
N LEU A 322 14.46 3.72 25.03
CA LEU A 322 15.69 3.73 24.26
C LEU A 322 16.84 4.20 25.13
N PRO A 323 18.04 3.68 24.92
CA PRO A 323 19.19 4.03 25.77
C PRO A 323 19.95 5.25 25.26
N GLU A 324 19.23 6.34 25.06
CA GLU A 324 19.82 7.62 24.62
C GLU A 324 20.60 7.46 23.31
N SER A 325 20.16 6.55 22.44
CA SER A 325 20.83 6.34 21.17
C SER A 325 20.63 7.52 20.22
N LEU A 326 19.64 8.38 20.47
CA LEU A 326 19.37 9.47 19.55
C LEU A 326 20.41 10.58 19.69
N LEU A 327 20.84 10.88 20.91
CA LEU A 327 21.78 11.97 21.13
C LEU A 327 23.12 11.70 20.45
N SER A 328 23.64 10.47 20.57
CA SER A 328 24.88 10.12 19.91
C SER A 328 24.72 10.01 18.40
N SER A 329 23.49 9.83 17.91
CA SER A 329 23.22 9.72 16.49
C SER A 329 22.77 11.03 15.87
N LEU A 330 22.83 12.14 16.61
CA LEU A 330 22.37 13.44 16.12
C LEU A 330 23.40 14.01 15.14
N VAL A 331 23.52 13.35 14.00
CA VAL A 331 24.53 13.74 13.02
C VAL A 331 23.85 14.00 11.68
N LYS A 332 23.15 12.99 11.14
CA LYS A 332 22.33 13.16 9.93
C LYS A 332 20.93 12.59 10.12
N LEU A 333 20.40 12.62 11.34
CA LEU A 333 19.05 12.12 11.57
C LEU A 333 18.03 13.01 10.88
N ASN A 334 17.12 12.38 10.14
CA ASN A 334 16.09 13.11 9.40
C ASN A 334 14.69 12.83 9.93
N SER A 335 14.28 11.57 9.98
CA SER A 335 12.93 11.21 10.41
C SER A 335 12.99 10.04 11.39
N LEU A 336 12.05 10.04 12.33
CA LEU A 336 11.93 8.98 13.33
C LEU A 336 10.49 8.52 13.41
N THR A 337 10.27 7.22 13.28
CA THR A 337 8.93 6.63 13.38
C THR A 337 8.95 5.56 14.45
N LEU A 338 8.06 5.70 15.43
CA LEU A 338 7.91 4.74 16.52
C LEU A 338 6.48 4.18 16.53
N ALA A 339 5.94 3.95 15.34
CA ALA A 339 4.53 3.60 15.21
C ALA A 339 4.23 2.22 15.77
N ARG A 340 3.05 2.12 16.41
CA ARG A 340 2.45 0.83 16.78
C ARG A 340 3.38 0.00 17.65
N ASN A 341 4.08 0.66 18.57
CA ASN A 341 4.92 0.02 19.55
C ASN A 341 4.12 -0.20 20.84
N CYS A 342 4.81 -0.58 21.92
CA CYS A 342 4.18 -0.70 23.22
C CYS A 342 4.68 0.41 24.14
N PHE A 343 4.89 1.60 23.59
CA PHE A 343 5.46 2.70 24.34
C PHE A 343 4.47 3.21 25.39
N GLN A 344 5.01 3.83 26.43
CA GLN A 344 4.21 4.51 27.44
C GLN A 344 4.71 5.90 27.78
N LEU A 345 5.88 6.29 27.26
CA LEU A 345 6.44 7.61 27.52
C LEU A 345 7.48 7.89 26.44
N TYR A 346 7.89 9.15 26.35
CA TYR A 346 8.93 9.51 25.41
C TYR A 346 10.26 8.92 25.85
N PRO A 347 11.17 8.65 24.90
CA PRO A 347 12.47 8.07 25.26
C PRO A 347 13.22 8.94 26.24
N VAL A 348 13.89 8.29 27.19
CA VAL A 348 14.59 9.00 28.26
C VAL A 348 15.81 9.69 27.66
N GLY A 349 15.85 11.01 27.77
CA GLY A 349 16.97 11.77 27.26
C GLY A 349 16.65 13.25 27.27
N GLY A 350 17.65 14.03 26.89
CA GLY A 350 17.49 15.47 26.80
C GLY A 350 16.63 15.86 25.63
N PRO A 351 16.08 17.09 25.65
CA PRO A 351 15.26 17.55 24.53
C PRO A 351 16.02 17.66 23.22
N SER A 352 17.36 17.68 23.27
CA SER A 352 18.17 17.86 22.06
C SER A 352 18.06 16.71 21.08
N GLN A 353 17.52 15.56 21.49
CA GLN A 353 17.48 14.39 20.62
C GLN A 353 16.68 14.63 19.34
N PHE A 354 15.81 15.63 19.32
CA PHE A 354 15.03 15.97 18.14
C PHE A 354 15.53 17.26 17.48
N SER A 355 16.83 17.54 17.58
CA SER A 355 17.37 18.78 17.04
C SER A 355 17.26 18.82 15.53
N THR A 356 17.58 17.71 14.85
CA THR A 356 17.58 17.66 13.40
C THR A 356 16.44 16.82 12.83
N ILE A 357 15.46 16.47 13.66
CA ILE A 357 14.35 15.64 13.22
C ILE A 357 13.48 16.43 12.25
N TYR A 358 12.70 15.71 11.45
CA TYR A 358 11.79 16.32 10.50
C TYR A 358 10.36 15.80 10.59
N SER A 359 10.18 14.54 10.97
CA SER A 359 8.85 13.93 11.07
C SER A 359 8.83 12.98 12.25
N LEU A 360 7.61 12.65 12.69
CA LEU A 360 7.41 11.73 13.81
C LEU A 360 6.09 10.99 13.61
N ASN A 361 6.09 9.71 13.98
CA ASN A 361 4.89 8.87 13.93
C ASN A 361 4.82 8.10 15.24
N MET A 362 4.15 8.67 16.23
CA MET A 362 3.95 8.03 17.53
C MET A 362 2.55 7.44 17.67
N GLU A 363 1.96 7.00 16.58
CA GLU A 363 0.58 6.54 16.61
C GLU A 363 0.47 5.11 17.12
N HIS A 364 -0.73 4.75 17.56
CA HIS A 364 -1.17 3.42 17.98
C HIS A 364 -0.53 2.95 19.29
N ASN A 365 0.22 3.81 19.97
CA ASN A 365 0.83 3.46 21.26
C ASN A 365 0.57 4.47 22.36
N ARG A 366 0.11 4.04 23.51
CA ARG A 366 -0.26 4.99 24.57
C ARG A 366 0.87 5.91 24.99
N ILE A 367 0.60 7.20 25.19
CA ILE A 367 1.66 8.15 25.52
C ILE A 367 1.36 8.94 26.79
N ASN A 368 0.09 9.06 27.16
CA ASN A 368 -0.34 9.82 28.34
C ASN A 368 0.10 11.27 28.15
N LYS A 369 0.94 11.84 29.02
CA LYS A 369 1.21 13.27 29.01
C LYS A 369 2.57 13.53 28.36
N ILE A 370 2.58 14.43 27.39
CA ILE A 370 3.83 14.89 26.76
C ILE A 370 4.56 15.80 27.74
N PRO A 371 5.85 15.58 27.99
CA PRO A 371 6.58 16.42 28.93
C PRO A 371 6.77 17.85 28.42
N PHE A 372 6.94 18.76 29.37
CA PHE A 372 7.11 20.17 29.06
C PHE A 372 8.47 20.44 28.43
N GLY A 373 8.49 21.24 27.37
CA GLY A 373 9.73 21.68 26.76
C GLY A 373 10.53 20.61 26.06
N ILE A 374 9.95 19.45 25.78
CA ILE A 374 10.69 18.37 25.13
C ILE A 374 10.90 18.64 23.64
N PHE A 375 10.11 19.52 23.04
CA PHE A 375 10.26 19.88 21.64
C PHE A 375 10.89 21.26 21.45
N SER A 376 11.58 21.76 22.47
CA SER A 376 12.14 23.12 22.40
C SER A 376 13.24 23.21 21.35
N ARG A 377 14.09 22.20 21.24
CA ARG A 377 15.24 22.25 20.35
C ARG A 377 14.94 21.71 18.96
N ALA A 378 13.69 21.36 18.67
CA ALA A 378 13.30 20.92 17.33
C ALA A 378 13.02 22.16 16.48
N LYS A 379 14.10 22.81 16.06
CA LYS A 379 13.98 24.03 15.26
C LYS A 379 13.27 23.73 13.94
N VAL A 380 13.49 22.55 13.37
CA VAL A 380 12.81 22.11 12.17
C VAL A 380 11.94 20.92 12.52
N LEU A 381 10.65 21.02 12.17
CA LEU A 381 9.72 19.91 12.37
C LEU A 381 8.47 20.18 11.55
N SER A 382 8.07 19.21 10.74
CA SER A 382 6.96 19.43 9.81
C SER A 382 5.68 18.74 10.27
N LYS A 383 5.78 17.52 10.79
CA LYS A 383 4.60 16.71 11.06
C LYS A 383 4.67 16.10 12.46
N LEU A 384 3.48 15.79 12.99
CA LEU A 384 3.32 14.97 14.17
C LEU A 384 2.11 14.07 13.96
N ASN A 385 2.19 12.83 14.43
CA ASN A 385 1.08 11.90 14.39
C ASN A 385 0.87 11.32 15.78
N MET A 386 -0.36 11.43 16.29
CA MET A 386 -0.70 10.94 17.62
C MET A 386 -2.04 10.21 17.62
N LYS A 387 -2.32 9.46 16.56
CA LYS A 387 -3.56 8.70 16.51
C LYS A 387 -3.52 7.53 17.48
N ASP A 388 -4.71 7.12 17.93
CA ASP A 388 -4.90 5.90 18.72
C ASP A 388 -4.00 5.88 19.95
N ASN A 389 -4.18 6.89 20.81
CA ASN A 389 -3.37 7.01 22.00
C ASN A 389 -4.29 7.32 23.18
N GLN A 390 -3.68 7.67 24.31
CA GLN A 390 -4.41 7.98 25.54
C GLN A 390 -4.08 9.40 26.00
N LEU A 391 -4.06 10.35 25.07
CA LEU A 391 -3.79 11.73 25.41
C LEU A 391 -4.97 12.33 26.17
N THR A 392 -4.68 12.98 27.29
CA THR A 392 -5.71 13.60 28.12
C THR A 392 -5.68 15.12 28.07
N SER A 393 -4.50 15.74 28.16
CA SER A 393 -4.38 17.18 28.11
C SER A 393 -3.05 17.55 27.46
N LEU A 394 -3.09 18.43 26.47
CA LEU A 394 -1.88 18.87 25.81
C LEU A 394 -1.04 19.70 26.78
N PRO A 395 0.29 19.66 26.64
CA PRO A 395 1.16 20.38 27.57
C PRO A 395 1.01 21.88 27.43
N LEU A 396 1.33 22.58 28.52
CA LEU A 396 1.24 24.04 28.55
C LEU A 396 2.21 24.71 27.58
N ASP A 397 3.24 23.99 27.11
CA ASP A 397 4.16 24.52 26.12
C ASP A 397 3.64 24.38 24.69
N PHE A 398 2.33 24.17 24.53
CA PHE A 398 1.76 23.97 23.19
C PHE A 398 1.93 25.21 22.31
N GLY A 399 1.95 26.39 22.91
CA GLY A 399 2.00 27.62 22.14
C GLY A 399 3.34 27.95 21.53
N THR A 400 4.40 27.24 21.91
CA THR A 400 5.75 27.52 21.44
C THR A 400 6.15 26.69 20.23
N TRP A 401 5.25 25.86 19.70
CA TRP A 401 5.54 25.06 18.51
C TRP A 401 5.25 25.86 17.24
N THR A 402 5.87 27.04 17.16
CA THR A 402 5.59 27.96 16.08
C THR A 402 6.08 27.43 14.73
N SER A 403 7.11 26.59 14.74
CA SER A 403 7.67 26.06 13.50
C SER A 403 6.96 24.82 13.00
N MET A 404 5.93 24.35 13.71
CA MET A 404 5.26 23.10 13.37
C MET A 404 4.19 23.38 12.33
N VAL A 405 4.21 22.60 11.24
CA VAL A 405 3.26 22.83 10.14
C VAL A 405 1.98 22.06 10.37
N GLU A 406 2.08 20.76 10.61
CA GLU A 406 0.92 19.88 10.68
C GLU A 406 0.80 19.27 12.07
N LEU A 407 -0.43 18.87 12.41
CA LEU A 407 -0.72 18.17 13.64
C LEU A 407 -1.74 17.08 13.36
N ASN A 408 -1.86 16.15 14.30
CA ASN A 408 -2.84 15.08 14.21
C ASN A 408 -3.07 14.53 15.60
N LEU A 409 -4.29 14.68 16.11
CA LEU A 409 -4.63 14.22 17.46
C LEU A 409 -5.91 13.38 17.44
N ALA A 410 -6.15 12.68 16.33
CA ALA A 410 -7.37 11.90 16.19
C ALA A 410 -7.38 10.71 17.16
N THR A 411 -8.59 10.32 17.58
CA THR A 411 -8.83 9.15 18.42
C THR A 411 -8.01 9.24 19.72
N ASN A 412 -8.42 10.21 20.53
CA ASN A 412 -7.78 10.43 21.82
C ASN A 412 -8.86 10.80 22.83
N GLN A 413 -8.44 11.28 24.00
CA GLN A 413 -9.34 11.70 25.07
C GLN A 413 -9.04 13.12 25.49
N LEU A 414 -8.88 14.01 24.50
CA LEU A 414 -8.66 15.41 24.80
C LEU A 414 -9.93 16.06 25.31
N THR A 415 -9.78 16.97 26.27
CA THR A 415 -10.93 17.62 26.91
C THR A 415 -11.02 19.10 26.56
N LYS A 416 -9.96 19.87 26.79
CA LYS A 416 -10.00 21.32 26.56
C LYS A 416 -8.72 21.75 25.86
N ILE A 417 -8.87 22.65 24.90
CA ILE A 417 -7.75 23.24 24.17
C ILE A 417 -7.43 24.58 24.80
N PRO A 418 -6.21 24.80 25.30
CA PRO A 418 -5.90 26.08 25.95
C PRO A 418 -5.82 27.21 24.95
N GLU A 419 -5.81 28.44 25.50
CA GLU A 419 -5.72 29.64 24.68
C GLU A 419 -4.35 29.85 24.05
N ASP A 420 -3.35 29.04 24.43
CA ASP A 420 -2.02 29.18 23.87
C ASP A 420 -1.95 28.77 22.41
N VAL A 421 -3.03 28.18 21.86
CA VAL A 421 -3.06 27.76 20.47
C VAL A 421 -2.85 28.92 19.52
N SER A 422 -3.06 30.16 19.98
CA SER A 422 -2.92 31.32 19.11
C SER A 422 -1.49 31.53 18.64
N GLY A 423 -0.51 30.87 19.26
CA GLY A 423 0.87 31.04 18.87
C GLY A 423 1.32 30.22 17.68
N LEU A 424 0.50 29.27 17.22
CA LEU A 424 0.87 28.40 16.10
C LEU A 424 0.49 29.07 14.79
N VAL A 425 1.24 30.13 14.47
CA VAL A 425 0.91 30.96 13.31
C VAL A 425 1.15 30.19 12.00
N SER A 426 2.18 29.36 11.96
CA SER A 426 2.51 28.68 10.71
C SER A 426 1.69 27.44 10.46
N LEU A 427 0.95 27.00 11.46
CA LEU A 427 0.21 25.74 11.31
C LEU A 427 -0.70 25.80 10.09
N GLU A 428 -0.79 24.70 9.37
CA GLU A 428 -1.56 24.63 8.15
C GLU A 428 -2.67 23.59 8.19
N VAL A 429 -2.45 22.45 8.85
CA VAL A 429 -3.44 21.39 8.96
C VAL A 429 -3.55 21.00 10.43
N LEU A 430 -4.78 20.95 10.94
CA LEU A 430 -5.04 20.53 12.31
C LEU A 430 -6.24 19.61 12.32
N ILE A 431 -6.05 18.40 12.86
CA ILE A 431 -7.09 17.39 12.93
C ILE A 431 -7.29 17.02 14.39
N LEU A 432 -8.56 17.06 14.85
CA LEU A 432 -8.87 16.79 16.23
C LEU A 432 -10.12 15.92 16.37
N SER A 433 -10.35 15.03 15.40
CA SER A 433 -11.55 14.20 15.43
C SER A 433 -11.45 13.16 16.54
N ASN A 434 -12.63 12.65 16.94
CA ASN A 434 -12.75 11.59 17.94
C ASN A 434 -12.11 11.99 19.26
N ASN A 435 -12.65 13.05 19.86
CA ASN A 435 -12.18 13.55 21.14
C ASN A 435 -13.39 14.04 21.92
N LEU A 436 -13.15 14.79 23.00
CA LEU A 436 -14.19 15.37 23.82
C LEU A 436 -13.94 16.88 23.88
N LEU A 437 -14.45 17.60 22.88
CA LEU A 437 -14.21 19.04 22.75
C LEU A 437 -15.55 19.76 22.81
N LYS A 438 -15.90 20.24 24.00
CA LYS A 438 -17.19 20.93 24.17
C LYS A 438 -17.22 22.24 23.41
N LYS A 439 -16.20 23.08 23.59
CA LYS A 439 -16.17 24.40 22.98
C LYS A 439 -14.76 24.72 22.50
N LEU A 440 -14.66 25.30 21.30
CA LEU A 440 -13.37 25.70 20.75
C LEU A 440 -12.91 27.01 21.42
N PRO A 441 -11.61 27.17 21.64
CA PRO A 441 -11.12 28.42 22.23
C PRO A 441 -11.22 29.58 21.26
N HIS A 442 -11.26 30.79 21.84
CA HIS A 442 -11.33 32.00 21.03
C HIS A 442 -10.00 32.34 20.36
N GLY A 443 -8.92 31.65 20.74
CA GLY A 443 -7.64 31.88 20.08
C GLY A 443 -7.56 31.31 18.69
N LEU A 444 -8.58 30.55 18.27
CA LEU A 444 -8.58 29.97 16.93
C LEU A 444 -8.64 31.05 15.85
N GLY A 445 -9.13 32.24 16.18
CA GLY A 445 -9.23 33.30 15.20
C GLY A 445 -7.90 33.96 14.85
N ASN A 446 -6.83 33.65 15.59
CA ASN A 446 -5.54 34.25 15.31
C ASN A 446 -4.77 33.50 14.22
N LEU A 447 -5.05 32.22 14.03
CA LEU A 447 -4.26 31.37 13.14
C LEU A 447 -4.79 31.50 11.71
N ARG A 448 -4.16 32.36 10.92
CA ARG A 448 -4.64 32.68 9.58
C ARG A 448 -4.44 31.52 8.60
N LYS A 449 -3.31 30.82 8.67
CA LYS A 449 -2.89 29.92 7.61
C LYS A 449 -3.61 28.58 7.63
N LEU A 450 -4.44 28.31 8.63
CA LEU A 450 -5.11 27.02 8.76
C LEU A 450 -5.94 26.71 7.52
N ARG A 451 -5.85 25.45 7.07
CA ARG A 451 -6.62 24.98 5.93
C ARG A 451 -7.56 23.82 6.25
N GLU A 452 -7.32 23.10 7.34
CA GLU A 452 -8.12 21.95 7.72
C GLU A 452 -8.52 22.02 9.18
N LEU A 453 -9.77 21.68 9.47
CA LEU A 453 -10.25 21.54 10.85
C LEU A 453 -11.26 20.40 10.87
N ASP A 454 -10.79 19.19 11.21
CA ASP A 454 -11.64 18.02 11.32
C ASP A 454 -11.98 17.82 12.79
N LEU A 455 -13.26 17.93 13.14
CA LEU A 455 -13.71 17.88 14.52
C LEU A 455 -14.82 16.85 14.69
N GLU A 456 -14.70 15.73 13.99
CA GLU A 456 -15.73 14.69 14.04
C GLU A 456 -15.79 14.05 15.42
N GLU A 457 -17.00 13.74 15.87
CA GLU A 457 -17.27 13.22 17.22
C GLU A 457 -16.52 14.00 18.29
N ASN A 458 -16.89 15.26 18.46
CA ASN A 458 -16.34 16.08 19.53
C ASN A 458 -17.40 16.66 20.47
N LYS A 459 -18.69 16.52 20.16
CA LYS A 459 -19.77 17.04 21.00
C LYS A 459 -19.62 18.56 21.17
N LEU A 460 -19.73 19.27 20.06
CA LEU A 460 -19.59 20.71 20.02
C LEU A 460 -20.97 21.35 20.10
N GLU A 461 -21.18 22.19 21.12
CA GLU A 461 -22.47 22.86 21.27
C GLU A 461 -22.64 23.98 20.26
N SER A 462 -21.57 24.74 20.00
CA SER A 462 -21.62 25.83 19.02
C SER A 462 -20.20 26.26 18.71
N LEU A 463 -20.02 26.83 17.51
CA LEU A 463 -18.69 27.35 17.18
C LEU A 463 -18.51 28.76 17.74
N PRO A 464 -17.29 29.13 18.09
CA PRO A 464 -17.03 30.52 18.47
C PRO A 464 -17.11 31.44 17.26
N ASN A 465 -17.35 32.72 17.54
CA ASN A 465 -17.48 33.71 16.48
C ASN A 465 -16.15 34.01 15.80
N GLU A 466 -15.04 33.51 16.34
CA GLU A 466 -13.73 33.86 15.80
C GLU A 466 -13.46 33.20 14.45
N ILE A 467 -14.35 32.32 14.00
CA ILE A 467 -14.21 31.70 12.69
C ILE A 467 -14.28 32.74 11.56
N ALA A 468 -14.89 33.89 11.83
CA ALA A 468 -15.07 34.90 10.79
C ALA A 468 -13.73 35.48 10.33
N TYR A 469 -12.80 35.71 11.27
CA TYR A 469 -11.54 36.34 10.91
C TYR A 469 -10.70 35.46 9.98
N LEU A 470 -10.71 34.15 10.21
CA LEU A 470 -9.91 33.26 9.39
C LEU A 470 -10.38 33.29 7.94
N LYS A 471 -9.45 33.04 7.02
CA LYS A 471 -9.72 33.22 5.60
C LYS A 471 -9.30 32.00 4.79
N ASP A 472 -8.27 31.28 5.25
CA ASP A 472 -7.60 30.28 4.43
C ASP A 472 -8.21 28.89 4.57
N LEU A 473 -9.28 28.71 5.35
CA LEU A 473 -9.90 27.41 5.48
C LEU A 473 -10.42 26.92 4.13
N GLN A 474 -10.18 25.64 3.85
CA GLN A 474 -10.64 25.03 2.60
C GLN A 474 -11.43 23.76 2.79
N LYS A 475 -11.28 23.05 3.91
CA LYS A 475 -12.03 21.82 4.14
C LYS A 475 -12.11 21.57 5.63
N LEU A 476 -13.31 21.70 6.20
CA LEU A 476 -13.54 21.36 7.60
C LEU A 476 -14.85 20.60 7.71
N VAL A 477 -14.89 19.65 8.63
CA VAL A 477 -16.06 18.83 8.88
C VAL A 477 -16.38 18.86 10.37
N LEU A 478 -17.68 18.88 10.68
CA LEU A 478 -18.16 18.92 12.06
C LEU A 478 -19.15 17.80 12.33
N THR A 479 -18.94 16.65 11.69
CA THR A 479 -19.88 15.54 11.81
C THR A 479 -19.95 15.03 13.24
N ASN A 480 -21.15 14.61 13.65
CA ASN A 480 -21.41 14.04 14.98
C ASN A 480 -21.06 15.06 16.07
N ASN A 481 -21.79 16.17 16.06
CA ASN A 481 -21.67 17.19 17.08
C ASN A 481 -23.05 17.70 17.43
N GLN A 482 -23.17 18.30 18.61
CA GLN A 482 -24.45 18.76 19.14
C GLN A 482 -24.71 20.24 18.87
N LEU A 483 -24.19 20.78 17.77
CA LEU A 483 -24.41 22.18 17.43
C LEU A 483 -25.78 22.36 16.77
N THR A 484 -26.46 23.44 17.14
CA THR A 484 -27.78 23.76 16.62
C THR A 484 -27.80 25.06 15.82
N THR A 485 -26.84 25.95 16.03
CA THR A 485 -26.76 27.20 15.29
C THR A 485 -25.30 27.51 14.98
N LEU A 486 -25.09 28.27 13.91
CA LEU A 486 -23.76 28.64 13.47
C LEU A 486 -23.52 30.13 13.69
N PRO A 487 -22.26 30.54 13.88
CA PRO A 487 -21.97 31.97 14.01
C PRO A 487 -22.25 32.71 12.70
N ARG A 488 -22.53 34.00 12.83
CA ARG A 488 -22.88 34.81 11.67
C ARG A 488 -21.72 34.94 10.68
N GLY A 489 -20.49 34.73 11.12
CA GLY A 489 -19.35 34.87 10.24
C GLY A 489 -19.08 33.67 9.37
N ILE A 490 -19.93 33.45 8.37
CA ILE A 490 -19.76 32.33 7.45
C ILE A 490 -19.32 32.86 6.09
N GLY A 491 -19.85 34.02 5.69
CA GLY A 491 -19.53 34.58 4.39
C GLY A 491 -18.08 35.01 4.24
N HIS A 492 -17.35 35.17 5.34
CA HIS A 492 -15.95 35.58 5.27
C HIS A 492 -15.03 34.45 4.83
N LEU A 493 -15.48 33.20 4.91
CA LEU A 493 -14.67 32.04 4.52
C LEU A 493 -14.78 31.80 3.02
N THR A 494 -14.34 32.80 2.24
CA THR A 494 -14.46 32.73 0.80
C THR A 494 -13.60 31.64 0.17
N ASN A 495 -12.59 31.15 0.88
CA ASN A 495 -11.76 30.05 0.38
C ASN A 495 -12.30 28.68 0.76
N LEU A 496 -13.38 28.61 1.54
CA LEU A 496 -13.93 27.33 1.96
C LEU A 496 -14.44 26.55 0.76
N THR A 497 -14.14 25.26 0.74
CA THR A 497 -14.55 24.43 -0.39
C THR A 497 -15.32 23.19 0.03
N HIS A 498 -14.95 22.57 1.16
CA HIS A 498 -15.59 21.35 1.62
C HIS A 498 -16.05 21.52 3.05
N LEU A 499 -17.33 21.29 3.30
CA LEU A 499 -17.92 21.41 4.62
C LEU A 499 -18.81 20.22 4.90
N GLY A 500 -18.62 19.60 6.06
CA GLY A 500 -19.46 18.48 6.47
C GLY A 500 -20.17 18.75 7.77
N LEU A 501 -21.51 18.83 7.72
CA LEU A 501 -22.31 19.18 8.88
C LEU A 501 -23.41 18.16 9.16
N GLY A 502 -23.36 16.98 8.54
CA GLY A 502 -24.40 16.00 8.75
C GLY A 502 -24.39 15.41 10.14
N GLU A 503 -25.51 14.78 10.49
CA GLU A 503 -25.69 14.12 11.79
C GLU A 503 -25.34 15.05 12.95
N ASN A 504 -25.91 16.25 12.94
CA ASN A 504 -25.58 17.27 13.93
C ASN A 504 -26.78 17.90 14.60
N LEU A 505 -28.00 17.46 14.30
CA LEU A 505 -29.22 18.02 14.88
C LEU A 505 -29.31 19.53 14.65
N LEU A 506 -28.96 19.96 13.44
CA LEU A 506 -28.98 21.37 13.08
C LEU A 506 -30.40 21.81 12.76
N THR A 507 -30.74 23.03 13.20
CA THR A 507 -32.08 23.57 13.02
C THR A 507 -32.14 24.67 11.98
N HIS A 508 -31.35 25.72 12.14
CA HIS A 508 -31.30 26.82 11.18
C HIS A 508 -29.86 27.30 11.05
N LEU A 509 -29.56 27.90 9.90
CA LEU A 509 -28.22 28.34 9.59
C LEU A 509 -28.24 29.78 9.07
N PRO A 510 -27.16 30.53 9.28
CA PRO A 510 -27.11 31.92 8.81
C PRO A 510 -27.15 32.01 7.29
N GLU A 511 -27.69 33.14 6.80
CA GLU A 511 -27.83 33.38 5.37
C GLU A 511 -26.50 33.70 4.70
N GLU A 512 -25.42 33.86 5.45
CA GLU A 512 -24.14 34.28 4.88
C GLU A 512 -23.52 33.23 3.96
N ILE A 513 -24.06 32.01 3.93
CA ILE A 513 -23.50 30.96 3.08
C ILE A 513 -23.58 31.32 1.60
N GLY A 514 -24.48 32.23 1.22
CA GLY A 514 -24.59 32.64 -0.16
C GLY A 514 -23.33 33.29 -0.69
N THR A 515 -22.61 34.02 0.17
CA THR A 515 -21.36 34.64 -0.23
C THR A 515 -20.32 33.61 -0.65
N LEU A 516 -20.41 32.40 -0.10
CA LEU A 516 -19.46 31.33 -0.41
C LEU A 516 -19.91 30.62 -1.67
N GLU A 517 -19.42 31.12 -2.81
CA GLU A 517 -19.81 30.58 -4.10
C GLU A 517 -18.93 29.41 -4.55
N ASN A 518 -17.78 29.20 -3.92
CA ASN A 518 -16.82 28.19 -4.34
C ASN A 518 -17.08 26.82 -3.74
N LEU A 519 -18.17 26.65 -3.00
CA LEU A 519 -18.49 25.34 -2.43
C LEU A 519 -18.80 24.32 -3.53
N GLU A 520 -18.34 23.09 -3.33
CA GLU A 520 -18.61 22.00 -4.25
C GLU A 520 -19.39 20.87 -3.60
N GLU A 521 -19.01 20.47 -2.38
CA GLU A 521 -19.63 19.35 -1.70
C GLU A 521 -20.06 19.76 -0.31
N LEU A 522 -21.21 19.24 0.12
CA LEU A 522 -21.76 19.57 1.43
C LEU A 522 -22.63 18.41 1.90
N TYR A 523 -22.62 18.14 3.21
CA TYR A 523 -23.32 17.00 3.78
C TYR A 523 -24.19 17.46 4.94
N LEU A 524 -25.50 17.20 4.82
CA LEU A 524 -26.46 17.43 5.90
C LEU A 524 -27.28 16.18 6.17
N ASN A 525 -26.70 15.01 5.94
CA ASN A 525 -27.44 13.76 6.08
C ASN A 525 -27.83 13.49 7.53
N ASP A 526 -29.01 12.91 7.71
CA ASP A 526 -29.50 12.46 9.01
C ASP A 526 -29.53 13.62 10.03
N ASN A 527 -30.33 14.62 9.70
CA ASN A 527 -30.60 15.74 10.61
C ASN A 527 -32.10 15.96 10.68
N PRO A 528 -32.75 15.66 11.80
CA PRO A 528 -34.22 15.78 11.84
C PRO A 528 -34.72 17.16 12.20
N ASN A 529 -33.84 18.12 12.49
CA ASN A 529 -34.25 19.38 13.09
C ASN A 529 -34.30 20.55 12.12
N LEU A 530 -33.96 20.36 10.85
CA LEU A 530 -34.09 21.43 9.86
C LEU A 530 -35.33 21.20 9.01
N HIS A 531 -36.02 22.28 8.70
CA HIS A 531 -37.26 22.21 7.93
C HIS A 531 -37.23 23.04 6.66
N SER A 532 -36.63 24.22 6.69
CA SER A 532 -36.58 25.11 5.54
C SER A 532 -35.13 25.46 5.21
N LEU A 533 -34.86 25.58 3.91
CA LEU A 533 -33.55 25.97 3.41
C LEU A 533 -33.51 27.47 3.13
N PRO A 534 -32.36 28.11 3.33
CA PRO A 534 -32.28 29.55 3.07
C PRO A 534 -32.47 29.89 1.60
N PHE A 535 -33.08 31.04 1.37
CA PHE A 535 -33.25 31.52 0.00
C PHE A 535 -31.96 32.08 -0.58
N GLU A 536 -31.06 32.58 0.27
CA GLU A 536 -29.80 33.12 -0.21
C GLU A 536 -28.90 32.02 -0.78
N LEU A 537 -29.02 30.80 -0.28
CA LEU A 537 -28.25 29.68 -0.81
C LEU A 537 -28.55 29.41 -2.27
N ALA A 538 -29.70 29.88 -2.77
CA ALA A 538 -30.05 29.69 -4.18
C ALA A 538 -29.02 30.30 -5.11
N LEU A 539 -28.32 31.35 -4.66
CA LEU A 539 -27.31 31.99 -5.49
C LEU A 539 -26.05 31.15 -5.66
N CYS A 540 -25.86 30.12 -4.84
CA CYS A 540 -24.72 29.22 -4.98
C CYS A 540 -25.07 28.16 -6.00
N SER A 541 -24.49 28.26 -7.21
CA SER A 541 -24.84 27.39 -8.32
C SER A 541 -23.70 26.46 -8.74
N LYS A 542 -22.51 26.61 -8.16
CA LYS A 542 -21.38 25.76 -8.52
C LYS A 542 -21.34 24.48 -7.72
N LEU A 543 -22.24 24.30 -6.76
CA LEU A 543 -22.35 23.05 -6.04
C LEU A 543 -22.63 21.91 -7.00
N SER A 544 -21.90 20.81 -6.85
CA SER A 544 -21.98 19.68 -7.77
C SER A 544 -22.82 18.52 -7.23
N ILE A 545 -22.47 18.00 -6.06
CA ILE A 545 -23.17 16.86 -5.47
C ILE A 545 -23.60 17.27 -4.06
N MET A 546 -24.88 17.08 -3.77
CA MET A 546 -25.44 17.33 -2.43
C MET A 546 -26.06 16.04 -1.93
N SER A 547 -25.68 15.61 -0.74
CA SER A 547 -26.14 14.35 -0.16
C SER A 547 -27.25 14.68 0.84
N ILE A 548 -28.50 14.63 0.38
CA ILE A 548 -29.66 14.90 1.21
C ILE A 548 -30.65 13.75 1.09
N GLU A 549 -30.13 12.54 0.86
CA GLU A 549 -31.00 11.39 0.63
C GLU A 549 -31.87 11.10 1.85
N ASN A 550 -31.28 11.16 3.04
CA ASN A 550 -32.00 10.88 4.29
C ASN A 550 -32.15 12.20 5.05
N CYS A 551 -33.19 12.95 4.72
CA CYS A 551 -33.48 14.23 5.35
C CYS A 551 -34.99 14.42 5.36
N PRO A 552 -35.58 14.85 6.49
CA PRO A 552 -37.04 14.97 6.57
C PRO A 552 -37.63 16.00 5.61
N LEU A 553 -37.16 17.25 5.70
CA LEU A 553 -37.68 18.35 4.90
C LEU A 553 -39.20 18.47 5.05
N SER A 554 -39.62 18.78 6.28
CA SER A 554 -41.05 18.90 6.57
C SER A 554 -41.67 20.07 5.82
N HIS A 555 -41.01 21.23 5.83
CA HIS A 555 -41.60 22.42 5.20
C HIS A 555 -41.60 22.31 3.68
N LEU A 556 -40.49 21.92 3.09
CA LEU A 556 -40.43 21.78 1.64
C LEU A 556 -41.26 20.57 1.19
N PRO A 557 -41.90 20.68 0.02
CA PRO A 557 -42.70 19.55 -0.49
C PRO A 557 -41.83 18.33 -0.75
N PRO A 558 -42.33 17.13 -0.46
CA PRO A 558 -41.53 15.92 -0.69
C PRO A 558 -41.18 15.69 -2.15
N GLN A 559 -41.97 16.20 -3.08
CA GLN A 559 -41.72 15.94 -4.50
C GLN A 559 -40.37 16.50 -4.95
N ILE A 560 -40.09 17.76 -4.58
CA ILE A 560 -38.82 18.35 -4.95
C ILE A 560 -37.66 17.72 -4.17
N VAL A 561 -37.90 17.35 -2.91
CA VAL A 561 -36.84 16.74 -2.12
C VAL A 561 -36.53 15.34 -2.61
N ALA A 562 -37.56 14.54 -2.88
CA ALA A 562 -37.35 13.19 -3.39
C ALA A 562 -37.08 13.15 -4.88
N GLY A 563 -37.33 14.25 -5.61
CA GLY A 563 -37.00 14.28 -7.02
C GLY A 563 -35.51 14.21 -7.29
N GLY A 564 -34.70 14.80 -6.41
CA GLY A 564 -33.27 14.78 -6.55
C GLY A 564 -32.63 16.11 -6.21
N PRO A 565 -31.37 16.09 -5.81
CA PRO A 565 -30.66 17.35 -5.54
C PRO A 565 -30.65 18.28 -6.74
N SER A 566 -30.55 17.73 -7.95
CA SER A 566 -30.56 18.57 -9.15
C SER A 566 -31.87 19.33 -9.29
N PHE A 567 -33.01 18.66 -9.04
CA PHE A 567 -34.30 19.34 -9.12
C PHE A 567 -34.40 20.47 -8.11
N ILE A 568 -33.81 20.27 -6.92
CA ILE A 568 -33.74 21.36 -5.95
C ILE A 568 -32.86 22.49 -6.49
N ILE A 569 -31.80 22.14 -7.22
CA ILE A 569 -30.91 23.17 -7.77
C ILE A 569 -31.67 24.07 -8.73
N GLN A 570 -32.47 23.48 -9.63
CA GLN A 570 -33.33 24.30 -10.49
C GLN A 570 -34.37 25.04 -9.65
N PHE A 571 -34.91 24.38 -8.62
CA PHE A 571 -35.82 25.06 -7.71
C PHE A 571 -35.15 26.28 -7.08
N LEU A 572 -33.84 26.20 -6.86
CA LEU A 572 -33.10 27.37 -6.40
C LEU A 572 -32.86 28.36 -7.53
N LYS A 573 -32.78 27.87 -8.77
CA LYS A 573 -32.34 28.71 -9.87
C LYS A 573 -33.34 29.84 -10.14
N MET A 574 -34.62 29.52 -10.31
CA MET A 574 -35.61 30.55 -10.64
C MET A 574 -36.82 30.53 -9.74
N GLN A 575 -37.16 29.38 -9.15
CA GLN A 575 -38.32 29.34 -8.24
C GLN A 575 -38.08 30.14 -6.97
N GLY A 576 -36.84 30.40 -6.60
CA GLY A 576 -36.53 31.21 -5.46
C GLY A 576 -36.73 32.69 -5.74
N PRO A 577 -36.86 33.49 -4.69
CA PRO A 577 -37.04 34.94 -4.90
C PRO A 577 -35.90 35.60 -5.67
N TYR A 578 -34.67 35.14 -5.46
CA TYR A 578 -33.53 35.71 -6.15
C TYR A 578 -33.46 35.21 -7.58
N ARG A 579 -32.75 35.97 -8.42
CA ARG A 579 -32.59 35.62 -9.82
C ARG A 579 -31.22 35.00 -10.06
N ALA B 7 -15.48 -1.94 -22.81
CA ALA B 7 -14.82 -0.73 -22.35
C ALA B 7 -13.44 -0.58 -23.00
N VAL B 8 -12.47 -1.27 -22.43
CA VAL B 8 -11.09 -1.20 -22.96
C VAL B 8 -11.06 -1.80 -24.35
N PRO B 9 -10.37 -1.20 -25.31
CA PRO B 9 -10.27 -1.78 -26.65
C PRO B 9 -9.65 -3.19 -26.59
N SER B 10 -10.18 -4.07 -27.43
CA SER B 10 -9.76 -5.47 -27.38
C SER B 10 -8.36 -5.67 -27.94
N ASP B 11 -8.05 -5.05 -29.07
CA ASP B 11 -6.81 -5.33 -29.78
C ASP B 11 -6.20 -4.03 -30.29
N ASN B 12 -4.90 -4.10 -30.59
CA ASN B 12 -4.15 -2.99 -31.19
C ASN B 12 -4.16 -1.76 -30.28
N LEU B 13 -3.72 -1.95 -29.04
CA LEU B 13 -3.61 -0.86 -28.09
C LEU B 13 -2.16 -0.40 -28.02
N PRO B 14 -1.86 0.86 -28.34
CA PRO B 14 -0.47 1.33 -28.27
C PRO B 14 0.09 1.20 -26.87
N THR B 15 1.36 0.81 -26.79
CA THR B 15 2.06 0.63 -25.52
C THR B 15 3.18 1.65 -25.42
N TYR B 16 3.21 2.40 -24.32
CA TYR B 16 4.20 3.44 -24.11
C TYR B 16 5.04 3.07 -22.90
N LYS B 17 6.36 2.97 -23.09
CA LYS B 17 7.29 2.67 -22.02
C LYS B 17 7.85 3.98 -21.48
N LEU B 18 7.38 4.38 -20.31
CA LEU B 18 7.80 5.63 -19.67
C LEU B 18 8.79 5.28 -18.56
N VAL B 19 9.98 5.87 -18.62
CA VAL B 19 11.04 5.62 -17.66
C VAL B 19 11.13 6.81 -16.73
N VAL B 20 11.06 6.57 -15.42
CA VAL B 20 11.12 7.61 -14.42
C VAL B 20 12.54 7.66 -13.88
N VAL B 21 13.30 8.70 -14.24
CA VAL B 21 14.72 8.78 -14.00
C VAL B 21 15.02 9.92 -13.04
N GLY B 22 15.87 9.65 -12.06
CA GLY B 22 16.28 10.68 -11.13
C GLY B 22 17.16 10.09 -10.04
N ASP B 23 17.59 10.97 -9.14
CA ASP B 23 18.39 10.56 -7.99
C ASP B 23 17.50 9.93 -6.92
N GLY B 24 18.08 9.63 -5.77
CA GLY B 24 17.29 9.08 -4.68
C GLY B 24 16.57 10.17 -3.91
N GLY B 25 15.35 9.85 -3.48
CA GLY B 25 14.54 10.79 -2.73
C GLY B 25 13.83 11.83 -3.56
N VAL B 26 13.86 11.73 -4.89
CA VAL B 26 13.17 12.68 -5.74
C VAL B 26 11.72 12.29 -6.00
N GLY B 27 11.22 11.26 -5.33
CA GLY B 27 9.82 10.89 -5.43
C GLY B 27 9.44 10.06 -6.63
N LYS B 28 10.38 9.33 -7.22
CA LYS B 28 10.04 8.49 -8.37
C LYS B 28 9.05 7.40 -7.98
N SER B 29 9.27 6.74 -6.85
CA SER B 29 8.41 5.64 -6.46
C SER B 29 7.03 6.12 -6.02
N ALA B 30 6.99 7.14 -5.16
CA ALA B 30 5.71 7.63 -4.65
C ALA B 30 4.85 8.18 -5.77
N LEU B 31 5.46 8.91 -6.70
CA LEU B 31 4.73 9.46 -7.84
C LEU B 31 4.16 8.35 -8.72
N THR B 32 4.89 7.24 -8.87
CA THR B 32 4.37 6.12 -9.63
C THR B 32 3.29 5.37 -8.88
N ILE B 33 3.48 5.16 -7.57
CA ILE B 33 2.47 4.48 -6.76
C ILE B 33 1.17 5.29 -6.74
N GLN B 34 1.29 6.61 -6.57
CA GLN B 34 0.10 7.46 -6.56
C GLN B 34 -0.67 7.36 -7.86
N PHE B 35 0.02 7.47 -9.00
CA PHE B 35 -0.67 7.48 -10.29
C PHE B 35 -1.37 6.15 -10.57
N PHE B 36 -0.86 5.05 -10.02
CA PHE B 36 -1.39 3.73 -10.36
C PHE B 36 -2.40 3.22 -9.34
N GLN B 37 -2.15 3.45 -8.05
CA GLN B 37 -2.98 2.88 -7.00
C GLN B 37 -3.78 3.93 -6.24
N LYS B 38 -3.67 5.21 -6.62
CA LYS B 38 -4.45 6.29 -6.02
C LYS B 38 -4.20 6.42 -4.52
N ILE B 39 -3.03 5.97 -4.06
CA ILE B 39 -2.65 6.10 -2.66
C ILE B 39 -1.23 6.65 -2.58
N PHE B 40 -0.90 7.22 -1.43
CA PHE B 40 0.41 7.80 -1.17
C PHE B 40 1.13 6.98 -0.11
N VAL B 41 2.32 6.50 -0.45
CA VAL B 41 3.12 5.65 0.45
C VAL B 41 4.17 6.53 1.13
N PRO B 42 4.17 6.60 2.46
CA PRO B 42 5.17 7.42 3.17
C PRO B 42 6.45 6.70 3.55
N ASP B 43 6.70 5.51 3.00
CA ASP B 43 7.88 4.72 3.34
C ASP B 43 8.93 4.83 2.24
N TYR B 44 10.18 5.00 2.64
CA TYR B 44 11.29 5.12 1.70
C TYR B 44 11.91 3.75 1.48
N ASP B 45 11.57 3.13 0.35
CA ASP B 45 12.12 1.83 -0.02
C ASP B 45 12.97 1.99 -1.27
N PRO B 46 14.28 1.74 -1.20
CA PRO B 46 15.12 1.85 -2.40
C PRO B 46 14.62 0.92 -3.50
N THR B 47 14.64 1.44 -4.72
CA THR B 47 14.12 0.72 -5.88
C THR B 47 15.27 0.10 -6.67
N ILE B 48 15.01 -1.06 -7.26
CA ILE B 48 15.92 -1.69 -8.20
C ILE B 48 15.33 -1.69 -9.61
N GLU B 49 14.14 -2.26 -9.77
CA GLU B 49 13.39 -2.18 -11.02
C GLU B 49 11.95 -2.54 -10.74
N ASP B 50 11.03 -1.61 -11.01
CA ASP B 50 9.61 -1.83 -10.82
C ASP B 50 8.89 -1.54 -12.13
N SER B 51 8.12 -2.51 -12.60
CA SER B 51 7.39 -2.38 -13.86
C SER B 51 5.90 -2.47 -13.57
N TYR B 52 5.20 -1.35 -13.79
CA TYR B 52 3.76 -1.27 -13.60
C TYR B 52 3.07 -1.23 -14.96
N LEU B 53 1.75 -1.36 -14.93
CA LEU B 53 0.95 -1.36 -16.15
C LEU B 53 -0.43 -0.81 -15.83
N LYS B 54 -1.03 -0.13 -16.82
CA LYS B 54 -2.34 0.47 -16.65
C LYS B 54 -2.95 0.72 -18.02
N HIS B 55 -4.27 0.54 -18.10
CA HIS B 55 -5.04 0.91 -19.28
C HIS B 55 -5.78 2.19 -18.96
N THR B 56 -5.39 3.28 -19.63
CA THR B 56 -6.01 4.59 -19.38
C THR B 56 -6.26 5.28 -20.70
N GLU B 57 -7.24 6.18 -20.69
CA GLU B 57 -7.64 6.94 -21.86
C GLU B 57 -7.07 8.35 -21.74
N ILE B 58 -6.34 8.78 -22.77
CA ILE B 58 -5.71 10.09 -22.81
C ILE B 58 -6.14 10.80 -24.07
N ASP B 59 -6.76 11.97 -23.92
CA ASP B 59 -7.20 12.81 -25.03
C ASP B 59 -8.04 12.01 -26.02
N ASN B 60 -9.07 11.33 -25.48
CA ASN B 60 -9.97 10.50 -26.27
C ASN B 60 -9.20 9.41 -27.01
N GLN B 61 -8.16 8.87 -26.38
CA GLN B 61 -7.38 7.78 -26.95
C GLN B 61 -6.90 6.88 -25.85
N TRP B 62 -7.04 5.58 -26.03
CA TRP B 62 -6.65 4.59 -25.05
C TRP B 62 -5.18 4.19 -25.25
N ALA B 63 -4.49 3.95 -24.14
CA ALA B 63 -3.08 3.62 -24.18
C ALA B 63 -2.71 2.78 -22.97
N ILE B 64 -1.55 2.13 -23.05
CA ILE B 64 -0.99 1.34 -21.97
C ILE B 64 0.23 2.08 -21.46
N LEU B 65 0.22 2.45 -20.18
CA LEU B 65 1.29 3.26 -19.59
C LEU B 65 2.22 2.34 -18.81
N ASP B 66 3.11 1.66 -19.52
CA ASP B 66 4.10 0.79 -18.90
C ASP B 66 5.18 1.68 -18.28
N VAL B 67 5.03 1.98 -16.99
CA VAL B 67 5.94 2.87 -16.28
C VAL B 67 7.00 2.02 -15.59
N LEU B 68 8.27 2.36 -15.83
CA LEU B 68 9.41 1.59 -15.33
C LEU B 68 10.22 2.48 -14.39
N ASP B 69 9.95 2.37 -13.09
CA ASP B 69 10.76 3.04 -12.10
C ASP B 69 12.17 2.46 -12.10
N THR B 70 13.17 3.31 -11.85
CA THR B 70 14.56 2.91 -11.91
C THR B 70 15.24 3.08 -10.56
N ALA B 71 16.48 2.59 -10.49
CA ALA B 71 17.18 2.50 -9.21
C ALA B 71 17.51 3.88 -8.66
N GLY B 72 18.12 4.73 -9.46
CA GLY B 72 18.56 6.02 -8.98
C GLY B 72 19.90 6.00 -8.29
N GLN B 73 20.00 5.27 -7.17
CA GLN B 73 21.26 5.20 -6.44
C GLN B 73 22.27 4.33 -7.17
N GLU B 74 23.55 4.69 -7.04
CA GLU B 74 24.60 4.02 -7.79
C GLU B 74 24.77 2.57 -7.36
N GLU B 75 24.45 2.26 -6.10
CA GLU B 75 24.57 0.88 -5.62
C GLU B 75 23.66 -0.05 -6.40
N PHE B 76 22.43 0.38 -6.66
CA PHE B 76 21.45 -0.41 -7.39
C PHE B 76 21.48 -0.14 -8.90
N SER B 77 22.20 0.89 -9.33
CA SER B 77 22.21 1.30 -10.73
C SER B 77 23.08 0.42 -11.62
N ALA B 78 23.49 -0.76 -11.15
CA ALA B 78 24.25 -1.65 -12.00
C ALA B 78 23.44 -2.09 -13.22
N MET B 79 22.11 -2.10 -13.08
CA MET B 79 21.20 -2.44 -14.16
C MET B 79 20.56 -1.21 -14.79
N ARG B 80 20.89 -0.01 -14.31
CA ARG B 80 20.15 1.18 -14.71
C ARG B 80 20.29 1.48 -16.19
N GLU B 81 21.52 1.39 -16.73
CA GLU B 81 21.72 1.76 -18.13
C GLU B 81 20.98 0.84 -19.07
N GLN B 82 20.75 -0.41 -18.68
CA GLN B 82 19.98 -1.32 -19.52
C GLN B 82 18.52 -0.90 -19.59
N TYR B 83 17.96 -0.46 -18.46
CA TYR B 83 16.55 -0.10 -18.44
C TYR B 83 16.27 1.15 -19.27
N MET B 84 17.20 2.11 -19.27
CA MET B 84 17.03 3.30 -20.10
C MET B 84 17.00 2.95 -21.58
N ARG B 85 17.71 1.89 -21.97
CA ARG B 85 17.88 1.58 -23.38
C ARG B 85 16.57 1.17 -24.04
N THR B 86 15.69 0.51 -23.30
CA THR B 86 14.43 0.02 -23.85
C THR B 86 13.29 1.03 -23.73
N GLY B 87 13.54 2.20 -23.14
CA GLY B 87 12.47 3.15 -22.91
C GLY B 87 12.06 3.90 -24.16
N ASP B 88 10.96 4.65 -24.02
CA ASP B 88 10.44 5.52 -25.06
C ASP B 88 10.35 6.97 -24.63
N GLY B 89 10.01 7.22 -23.37
CA GLY B 89 9.99 8.56 -22.84
C GLY B 89 10.56 8.57 -21.44
N PHE B 90 11.05 9.74 -21.03
CA PHE B 90 11.73 9.87 -19.75
C PHE B 90 11.09 11.01 -18.96
N LEU B 91 10.94 10.79 -17.66
CA LEU B 91 10.55 11.84 -16.73
C LEU B 91 11.76 12.12 -15.84
N ILE B 92 12.48 13.19 -16.14
CA ILE B 92 13.64 13.56 -15.32
C ILE B 92 13.09 14.25 -14.07
N VAL B 93 12.83 13.46 -13.04
CA VAL B 93 12.16 13.96 -11.84
C VAL B 93 13.21 14.49 -10.88
N TYR B 94 13.03 15.72 -10.44
CA TYR B 94 13.89 16.32 -9.43
C TYR B 94 13.03 16.93 -8.35
N SER B 95 13.45 16.78 -7.10
CA SER B 95 12.76 17.39 -5.98
C SER B 95 13.09 18.87 -5.92
N VAL B 96 12.06 19.70 -5.81
CA VAL B 96 12.28 21.14 -5.68
C VAL B 96 13.00 21.48 -4.39
N THR B 97 12.94 20.59 -3.40
CA THR B 97 13.64 20.77 -2.14
C THR B 97 15.04 20.18 -2.13
N ASP B 98 15.43 19.47 -3.20
CA ASP B 98 16.74 18.83 -3.30
C ASP B 98 17.53 19.54 -4.38
N LYS B 99 18.50 20.38 -3.96
CA LYS B 99 19.28 21.15 -4.92
C LYS B 99 20.11 20.25 -5.82
N ALA B 100 20.73 19.21 -5.25
CA ALA B 100 21.71 18.42 -5.99
C ALA B 100 21.10 17.75 -7.22
N SER B 101 19.87 17.26 -7.10
CA SER B 101 19.24 16.58 -8.23
C SER B 101 18.98 17.53 -9.38
N PHE B 102 18.97 18.84 -9.13
CA PHE B 102 18.67 19.79 -10.19
C PHE B 102 19.83 19.92 -11.18
N GLU B 103 21.07 20.00 -10.69
CA GLU B 103 22.21 20.04 -11.60
C GLU B 103 22.41 18.70 -12.28
N HIS B 104 22.00 17.61 -11.63
CA HIS B 104 22.13 16.28 -12.22
C HIS B 104 21.18 16.08 -13.39
N VAL B 105 20.24 17.01 -13.62
CA VAL B 105 19.38 16.93 -14.79
C VAL B 105 20.21 16.99 -16.06
N ASP B 106 21.26 17.82 -16.07
CA ASP B 106 22.15 17.89 -17.22
C ASP B 106 22.84 16.55 -17.47
N ARG B 107 23.34 15.93 -16.41
CA ARG B 107 24.00 14.63 -16.54
C ARG B 107 23.01 13.58 -17.05
N PHE B 108 21.77 13.61 -16.53
CA PHE B 108 20.77 12.64 -16.97
C PHE B 108 20.41 12.85 -18.43
N HIS B 109 20.29 14.10 -18.87
CA HIS B 109 20.01 14.37 -20.28
C HIS B 109 21.15 13.89 -21.16
N GLN B 110 22.39 14.13 -20.74
CA GLN B 110 23.54 13.64 -21.50
C GLN B 110 23.54 12.12 -21.55
N LEU B 111 23.23 11.46 -20.44
CA LEU B 111 23.18 10.01 -20.42
C LEU B 111 22.09 9.47 -21.34
N ILE B 112 20.92 10.11 -21.33
CA ILE B 112 19.82 9.67 -22.18
C ILE B 112 20.19 9.84 -23.65
N LEU B 113 20.84 10.96 -24.00
CA LEU B 113 21.27 11.15 -25.37
C LEU B 113 22.32 10.12 -25.77
N ARG B 114 23.22 9.79 -24.84
CA ARG B 114 24.27 8.81 -25.14
C ARG B 114 23.71 7.42 -25.36
N VAL B 115 22.80 6.98 -24.47
CA VAL B 115 22.28 5.62 -24.55
C VAL B 115 21.45 5.43 -25.80
N LYS B 116 20.53 6.35 -26.06
CA LYS B 116 19.64 6.22 -27.22
C LYS B 116 20.30 6.66 -28.52
N ASP B 117 21.49 7.27 -28.45
CA ASP B 117 22.23 7.71 -29.62
C ASP B 117 21.40 8.68 -30.47
N ARG B 118 21.04 9.81 -29.86
CA ARG B 118 20.26 10.84 -30.54
C ARG B 118 20.58 12.18 -29.92
N GLU B 119 20.49 13.23 -30.74
CA GLU B 119 20.72 14.59 -30.25
C GLU B 119 19.51 15.12 -29.47
N SER B 120 18.31 14.66 -29.80
CA SER B 120 17.10 15.11 -29.12
C SER B 120 16.16 13.92 -28.95
N PHE B 121 15.59 13.80 -27.76
CA PHE B 121 14.69 12.72 -27.42
C PHE B 121 13.51 13.30 -26.66
N PRO B 122 12.34 12.65 -26.71
CA PRO B 122 11.19 13.14 -25.95
C PRO B 122 11.32 12.88 -24.45
N MET B 123 11.58 13.93 -23.67
CA MET B 123 11.50 13.83 -22.23
C MET B 123 10.96 15.15 -21.69
N ILE B 124 10.42 15.09 -20.47
CA ILE B 124 9.85 16.25 -19.81
C ILE B 124 10.46 16.39 -18.43
N LEU B 125 11.02 17.56 -18.14
CA LEU B 125 11.49 17.86 -16.80
C LEU B 125 10.30 17.98 -15.86
N VAL B 126 10.36 17.29 -14.73
CA VAL B 126 9.27 17.25 -13.77
C VAL B 126 9.80 17.74 -12.43
N ALA B 127 9.11 18.71 -11.84
CA ALA B 127 9.46 19.24 -10.52
C ALA B 127 8.51 18.60 -9.52
N ASN B 128 9.03 17.69 -8.70
CA ASN B 128 8.19 16.98 -7.75
C ASN B 128 8.23 17.67 -6.38
N LYS B 129 7.37 17.21 -5.48
CA LYS B 129 7.29 17.71 -4.11
C LYS B 129 6.97 19.20 -4.06
N VAL B 130 6.11 19.66 -4.98
CA VAL B 130 5.77 21.08 -5.02
C VAL B 130 4.89 21.47 -3.84
N ASP B 131 4.23 20.52 -3.19
CA ASP B 131 3.43 20.83 -2.01
C ASP B 131 4.30 21.23 -0.82
N LEU B 132 5.59 20.91 -0.87
CA LEU B 132 6.53 21.33 0.17
C LEU B 132 7.03 22.74 -0.15
N MET B 133 6.08 23.68 -0.04
CA MET B 133 6.36 25.07 -0.44
C MET B 133 7.43 25.69 0.45
N HIS B 134 7.39 25.42 1.75
CA HIS B 134 8.29 26.10 2.67
C HIS B 134 9.66 25.42 2.72
N LEU B 135 9.84 24.34 1.95
CA LEU B 135 11.16 23.78 1.69
C LEU B 135 11.59 23.93 0.23
N ARG B 136 10.81 24.61 -0.61
CA ARG B 136 11.16 24.73 -2.02
C ARG B 136 12.46 25.48 -2.20
N LYS B 137 13.34 24.96 -3.05
CA LYS B 137 14.62 25.58 -3.34
C LYS B 137 14.85 25.86 -4.81
N ILE B 138 14.14 25.18 -5.70
CA ILE B 138 14.22 25.42 -7.14
C ILE B 138 12.92 26.07 -7.57
N THR B 139 12.99 27.32 -8.01
CA THR B 139 11.79 28.07 -8.35
C THR B 139 11.30 27.72 -9.75
N ARG B 140 10.11 28.20 -10.07
CA ARG B 140 9.48 27.87 -11.35
C ARG B 140 10.28 28.45 -12.51
N GLU B 141 10.77 29.67 -12.39
CA GLU B 141 11.53 30.27 -13.48
C GLU B 141 12.89 29.58 -13.65
N GLN B 142 13.52 29.16 -12.55
CA GLN B 142 14.75 28.37 -12.67
C GLN B 142 14.47 27.05 -13.36
N GLY B 143 13.35 26.41 -13.03
CA GLY B 143 13.00 25.17 -13.72
C GLY B 143 12.74 25.38 -15.19
N LYS B 144 12.07 26.48 -15.52
CA LYS B 144 11.67 26.73 -16.91
C LYS B 144 12.87 27.11 -17.77
N GLU B 145 13.79 27.92 -17.23
CA GLU B 145 14.94 28.35 -18.02
C GLU B 145 15.83 27.16 -18.38
N MET B 146 15.96 26.18 -17.48
CA MET B 146 16.64 24.96 -17.85
C MET B 146 15.75 24.07 -18.72
N ALA B 147 14.43 24.14 -18.55
CA ALA B 147 13.53 23.38 -19.41
C ALA B 147 13.64 23.84 -20.85
N THR B 148 13.70 25.15 -21.08
CA THR B 148 13.89 25.66 -22.43
C THR B 148 15.35 25.61 -22.88
N LYS B 149 16.29 25.47 -21.93
CA LYS B 149 17.68 25.30 -22.31
C LYS B 149 17.89 24.01 -23.10
N HIS B 150 17.25 22.92 -22.65
CA HIS B 150 17.21 21.68 -23.40
C HIS B 150 15.98 21.59 -24.29
N ASN B 151 15.12 22.61 -24.29
CA ASN B 151 13.91 22.67 -25.10
C ASN B 151 13.00 21.47 -24.79
N ILE B 152 12.62 21.39 -23.51
CA ILE B 152 11.72 20.32 -23.05
C ILE B 152 10.61 20.93 -22.21
N PRO B 153 9.42 20.32 -22.18
CA PRO B 153 8.33 20.86 -21.36
C PRO B 153 8.64 20.76 -19.87
N TYR B 154 7.93 21.56 -19.09
CA TYR B 154 8.12 21.64 -17.65
C TYR B 154 6.77 21.51 -16.96
N ILE B 155 6.71 20.70 -15.91
CA ILE B 155 5.47 20.42 -15.20
C ILE B 155 5.73 20.50 -13.70
N GLU B 156 4.83 21.14 -12.97
CA GLU B 156 4.84 21.13 -11.52
C GLU B 156 3.97 19.98 -11.02
N THR B 157 4.44 19.28 -9.99
CA THR B 157 3.76 18.06 -9.58
C THR B 157 4.00 17.78 -8.11
N SER B 158 2.94 17.40 -7.39
CA SER B 158 3.03 16.86 -6.04
C SER B 158 2.23 15.57 -5.99
N ALA B 159 2.78 14.56 -5.31
CA ALA B 159 2.17 13.23 -5.25
C ALA B 159 1.38 12.98 -3.97
N LYS B 160 1.58 13.78 -2.93
CA LYS B 160 0.84 13.61 -1.70
C LYS B 160 -0.62 14.01 -1.91
N ASP B 161 -1.52 13.27 -1.27
CA ASP B 161 -2.96 13.52 -1.42
C ASP B 161 -3.32 14.89 -0.87
N PRO B 162 -4.06 15.73 -1.62
CA PRO B 162 -4.57 15.41 -2.96
C PRO B 162 -3.51 15.61 -4.04
N PRO B 163 -3.46 14.68 -5.01
CA PRO B 163 -2.43 14.77 -6.05
C PRO B 163 -2.57 16.04 -6.88
N LEU B 164 -1.44 16.56 -7.32
CA LEU B 164 -1.39 17.76 -8.15
C LEU B 164 -0.65 17.42 -9.43
N ASN B 165 -1.37 17.44 -10.54
CA ASN B 165 -0.84 17.19 -11.89
C ASN B 165 -0.20 15.81 -12.04
N VAL B 166 -0.42 14.91 -11.08
CA VAL B 166 0.16 13.57 -11.18
C VAL B 166 -0.35 12.87 -12.43
N ASP B 167 -1.66 12.93 -12.66
CA ASP B 167 -2.20 12.45 -13.93
C ASP B 167 -1.67 13.28 -15.09
N LYS B 168 -1.57 14.60 -14.91
CA LYS B 168 -1.14 15.47 -15.99
C LYS B 168 0.29 15.16 -16.43
N ALA B 169 1.18 14.86 -15.47
CA ALA B 169 2.58 14.65 -15.81
C ALA B 169 2.75 13.47 -16.77
N PHE B 170 2.08 12.35 -16.48
CA PHE B 170 2.16 11.21 -17.38
C PHE B 170 1.39 11.46 -18.67
N HIS B 171 0.29 12.19 -18.57
CA HIS B 171 -0.52 12.42 -19.74
C HIS B 171 0.20 13.34 -20.71
N ASP B 172 0.89 14.36 -20.20
CA ASP B 172 1.57 15.30 -21.07
C ASP B 172 2.66 14.64 -21.90
N LEU B 173 3.44 13.75 -21.28
CA LEU B 173 4.48 13.06 -22.03
C LEU B 173 3.89 12.20 -23.14
N VAL B 174 2.77 11.54 -22.86
CA VAL B 174 2.12 10.73 -23.86
C VAL B 174 1.74 11.57 -25.07
N ARG B 175 1.28 12.80 -24.84
CA ARG B 175 1.06 13.73 -25.94
C ARG B 175 2.37 14.09 -26.63
N VAL B 176 3.43 14.28 -25.84
CA VAL B 176 4.73 14.64 -26.41
C VAL B 176 5.25 13.51 -27.28
N ILE B 177 5.12 12.27 -26.82
CA ILE B 177 5.65 11.14 -27.58
C ILE B 177 4.90 10.98 -28.91
N ARG B 178 3.57 11.12 -28.89
CA ARG B 178 2.82 10.97 -30.13
C ARG B 178 3.01 12.17 -31.07
N GLN B 179 3.59 13.27 -30.59
CA GLN B 179 3.83 14.41 -31.47
C GLN B 179 4.80 14.05 -32.59
N GLN B 180 5.84 13.30 -32.28
CA GLN B 180 6.81 12.86 -33.28
C GLN B 180 6.34 11.57 -33.95
N LEU C 9 -4.25 -11.98 25.32
CA LEU C 9 -5.22 -12.52 24.39
C LEU C 9 -5.10 -14.03 24.38
N ASN C 10 -6.03 -14.73 25.02
CA ASN C 10 -5.99 -16.17 24.99
C ASN C 10 -6.79 -16.62 23.80
N ILE C 11 -6.09 -17.01 22.73
CA ILE C 11 -6.78 -17.38 21.54
C ILE C 11 -7.63 -18.59 21.85
N ASP C 12 -7.08 -19.50 22.63
CA ASP C 12 -7.82 -20.71 22.99
C ASP C 12 -9.10 -20.51 23.81
N SER C 13 -9.07 -19.62 24.80
CA SER C 13 -10.26 -19.35 25.60
C SER C 13 -11.30 -18.69 24.72
N ILE C 14 -10.87 -17.74 23.92
CA ILE C 14 -11.78 -17.07 23.00
C ILE C 14 -12.46 -18.13 22.17
N ILE C 15 -11.67 -19.06 21.63
CA ILE C 15 -12.27 -20.06 20.77
C ILE C 15 -13.26 -20.88 21.57
N GLN C 16 -12.92 -21.20 22.82
CA GLN C 16 -13.86 -21.94 23.65
C GLN C 16 -15.14 -21.17 23.92
N ARG C 17 -15.05 -19.89 24.25
CA ARG C 17 -16.23 -19.10 24.56
C ARG C 17 -17.07 -18.89 23.31
N LEU C 18 -16.44 -18.98 22.16
CA LEU C 18 -17.20 -18.86 20.93
C LEU C 18 -17.75 -20.20 20.44
N LEU C 19 -17.19 -21.29 20.79
CA LEU C 19 -17.67 -22.56 20.29
C LEU C 19 -18.61 -23.20 21.28
N GLU C 20 -18.71 -22.58 22.47
CA GLU C 20 -19.65 -23.09 23.46
C GLU C 20 -21.05 -23.02 22.92
N VAL C 21 -21.35 -21.97 22.20
CA VAL C 21 -22.70 -21.78 21.71
C VAL C 21 -23.06 -22.73 20.59
N ARG C 22 -22.08 -23.46 20.06
CA ARG C 22 -22.35 -24.32 18.93
C ARG C 22 -23.38 -25.36 19.24
N GLY C 23 -24.27 -25.61 18.30
CA GLY C 23 -25.31 -26.61 18.49
C GLY C 23 -26.52 -26.13 19.23
N SER C 24 -26.58 -24.84 19.51
CA SER C 24 -27.71 -24.30 20.26
C SER C 24 -28.70 -23.60 19.35
N LYS C 25 -29.63 -22.89 19.98
CA LYS C 25 -30.63 -22.14 19.26
C LYS C 25 -30.00 -21.08 18.35
N PRO C 26 -30.37 -21.07 17.04
CA PRO C 26 -29.71 -20.09 16.19
C PRO C 26 -30.07 -18.66 16.56
N GLY C 27 -29.12 -17.76 16.33
CA GLY C 27 -29.29 -16.35 16.65
C GLY C 27 -28.81 -15.96 18.03
N LYS C 28 -28.35 -16.90 18.85
CA LYS C 28 -27.81 -16.57 20.16
C LYS C 28 -26.53 -15.76 20.02
N ASN C 29 -26.36 -14.79 20.90
CA ASN C 29 -25.23 -13.88 20.86
C ASN C 29 -24.15 -14.29 21.85
N VAL C 30 -22.90 -13.97 21.50
CA VAL C 30 -21.75 -14.23 22.36
C VAL C 30 -21.15 -12.89 22.75
N GLN C 31 -21.05 -12.64 24.05
CA GLN C 31 -20.58 -11.37 24.56
C GLN C 31 -19.07 -11.45 24.79
N LEU C 32 -18.32 -10.62 24.06
CA LEU C 32 -16.88 -10.54 24.20
C LEU C 32 -16.52 -9.14 24.66
N GLN C 33 -15.55 -9.04 25.57
CA GLN C 33 -15.11 -7.73 25.97
C GLN C 33 -14.51 -7.12 24.73
N GLU C 34 -14.46 -5.80 24.67
CA GLU C 34 -14.03 -5.13 23.44
C GLU C 34 -12.54 -5.30 23.18
N ASN C 35 -11.73 -5.43 24.24
CA ASN C 35 -10.28 -5.44 24.03
C ASN C 35 -9.80 -6.77 23.47
N GLU C 36 -10.60 -7.84 23.61
CA GLU C 36 -10.32 -9.03 22.82
C GLU C 36 -10.48 -8.75 21.33
N ILE C 37 -11.57 -8.07 20.97
CA ILE C 37 -11.86 -7.83 19.56
C ILE C 37 -10.82 -6.88 18.96
N ARG C 38 -10.47 -5.82 19.69
CA ARG C 38 -9.38 -4.95 19.23
C ARG C 38 -8.06 -5.71 19.23
N GLY C 39 -7.81 -6.51 20.26
CA GLY C 39 -6.58 -7.29 20.31
C GLY C 39 -6.47 -8.30 19.20
N LEU C 40 -7.60 -8.90 18.81
CA LEU C 40 -7.59 -9.84 17.71
C LEU C 40 -7.19 -9.16 16.41
N CYS C 41 -7.68 -7.94 16.18
CA CYS C 41 -7.36 -7.22 14.97
C CYS C 41 -5.90 -6.81 14.94
N LEU C 42 -5.40 -6.30 16.06
CA LEU C 42 -4.01 -5.83 16.11
C LEU C 42 -3.03 -6.99 15.93
N LYS C 43 -3.28 -8.11 16.60
CA LYS C 43 -2.38 -9.25 16.50
C LYS C 43 -2.43 -9.88 15.12
N SER C 44 -3.61 -9.94 14.51
CA SER C 44 -3.74 -10.64 13.24
C SER C 44 -3.20 -9.82 12.08
N ARG C 45 -3.19 -8.49 12.18
CA ARG C 45 -2.74 -7.67 11.07
C ARG C 45 -1.24 -7.86 10.82
N GLU C 46 -0.47 -8.08 11.89
CA GLU C 46 0.95 -8.36 11.71
C GLU C 46 1.16 -9.67 10.97
N ILE C 47 0.35 -10.67 11.26
CA ILE C 47 0.41 -11.94 10.53
C ILE C 47 0.07 -11.72 9.07
N PHE C 48 -0.88 -10.83 8.79
CA PHE C 48 -1.23 -10.51 7.40
C PHE C 48 -0.08 -9.79 6.70
N LEU C 49 0.56 -8.85 7.39
CA LEU C 49 1.59 -8.03 6.76
C LEU C 49 2.88 -8.81 6.56
N SER C 50 3.24 -9.66 7.52
CA SER C 50 4.47 -10.43 7.40
C SER C 50 4.42 -11.38 6.21
N GLN C 51 3.29 -12.05 6.03
CA GLN C 51 3.14 -12.98 4.92
C GLN C 51 2.94 -12.21 3.61
N PRO C 52 3.32 -12.80 2.48
CA PRO C 52 3.22 -12.08 1.20
C PRO C 52 1.78 -11.81 0.83
N ILE C 53 1.58 -10.73 0.05
CA ILE C 53 0.26 -10.43 -0.48
C ILE C 53 -0.22 -11.55 -1.39
N LEU C 54 0.64 -12.00 -2.30
CA LEU C 54 0.36 -13.17 -3.12
C LEU C 54 0.80 -14.40 -2.32
N LEU C 55 -0.17 -15.11 -1.74
CA LEU C 55 0.11 -16.20 -0.83
C LEU C 55 0.37 -17.49 -1.61
N GLU C 56 1.37 -18.25 -1.15
CA GLU C 56 1.65 -19.58 -1.66
C GLU C 56 1.12 -20.58 -0.63
N LEU C 57 0.40 -21.60 -1.11
CA LEU C 57 -0.31 -22.51 -0.21
C LEU C 57 0.02 -23.95 -0.58
N GLU C 58 -0.04 -24.82 0.41
CA GLU C 58 0.33 -26.22 0.28
C GLU C 58 -0.85 -27.10 0.63
N ALA C 59 -1.06 -28.16 -0.15
CA ALA C 59 -2.10 -29.12 0.16
C ALA C 59 -1.75 -29.89 1.44
N PRO C 60 -2.74 -30.43 2.15
CA PRO C 60 -4.18 -30.41 1.88
C PRO C 60 -4.84 -29.11 2.31
N LEU C 61 -5.87 -28.69 1.56
CA LEU C 61 -6.54 -27.42 1.81
C LEU C 61 -8.04 -27.60 1.64
N LYS C 62 -8.81 -26.90 2.50
CA LYS C 62 -10.28 -26.84 2.37
C LYS C 62 -10.64 -25.37 2.13
N ILE C 63 -11.20 -25.06 0.98
CA ILE C 63 -11.50 -23.68 0.60
C ILE C 63 -12.96 -23.31 0.71
N CYS C 64 -13.27 -22.04 0.60
CA CYS C 64 -14.60 -21.59 0.86
C CYS C 64 -14.99 -20.35 0.04
N GLY C 65 -15.98 -19.60 0.47
CA GLY C 65 -16.40 -18.40 -0.22
C GLY C 65 -16.86 -17.38 0.79
N ASP C 66 -18.13 -16.97 0.71
CA ASP C 66 -18.65 -15.92 1.62
C ASP C 66 -19.67 -16.31 2.64
N ILE C 67 -19.52 -15.81 3.85
CA ILE C 67 -20.44 -16.12 4.95
C ILE C 67 -20.79 -14.82 5.59
N HIS C 68 -21.74 -14.12 5.03
CA HIS C 68 -21.97 -12.79 5.51
C HIS C 68 -22.56 -12.72 6.85
N GLY C 69 -21.77 -12.51 7.88
CA GLY C 69 -22.31 -12.32 9.20
C GLY C 69 -23.24 -13.42 9.69
N GLN C 70 -22.96 -14.66 9.43
CA GLN C 70 -23.84 -15.72 9.77
C GLN C 70 -23.12 -16.78 10.60
N TYR C 71 -22.88 -16.52 11.86
CA TYR C 71 -22.20 -17.45 12.76
C TYR C 71 -22.72 -18.83 12.97
N TYR C 72 -23.96 -19.17 12.63
CA TYR C 72 -24.35 -20.57 12.74
C TYR C 72 -24.25 -21.30 11.41
N ASP C 73 -24.08 -20.58 10.30
CA ASP C 73 -23.65 -21.24 9.07
C ASP C 73 -22.16 -21.53 9.11
N LEU C 74 -21.39 -20.68 9.80
CA LEU C 74 -19.96 -20.90 9.93
C LEU C 74 -19.66 -22.15 10.74
N LEU C 75 -20.34 -22.35 11.86
CA LEU C 75 -20.07 -23.50 12.69
C LEU C 75 -20.46 -24.78 12.00
N ARG C 76 -21.42 -24.73 11.08
CA ARG C 76 -21.78 -25.91 10.31
C ARG C 76 -20.65 -26.32 9.36
N LEU C 77 -19.91 -25.33 8.84
CA LEU C 77 -18.76 -25.64 8.00
C LEU C 77 -17.69 -26.38 8.78
N PHE C 78 -17.38 -25.90 9.99
CA PHE C 78 -16.34 -26.51 10.81
C PHE C 78 -16.69 -27.93 11.25
N GLU C 79 -17.95 -28.28 11.28
CA GLU C 79 -18.28 -29.64 11.61
C GLU C 79 -18.11 -30.53 10.41
N TYR C 80 -18.68 -30.16 9.28
CA TYR C 80 -18.64 -31.02 8.10
C TYR C 80 -17.22 -31.28 7.65
N GLY C 81 -16.42 -30.22 7.50
CA GLY C 81 -15.07 -30.39 7.00
C GLY C 81 -14.07 -30.74 8.09
N GLY C 82 -14.30 -30.26 9.30
CA GLY C 82 -13.41 -30.53 10.41
C GLY C 82 -12.76 -29.28 10.96
N PHE C 83 -12.65 -29.23 12.27
CA PHE C 83 -12.07 -28.09 12.89
C PHE C 83 -10.55 -28.11 12.72
N PRO C 84 -9.85 -26.97 12.84
CA PRO C 84 -8.38 -27.01 12.87
C PRO C 84 -7.90 -27.63 14.16
N PRO C 85 -6.66 -28.14 14.22
CA PRO C 85 -5.64 -28.14 13.17
C PRO C 85 -5.70 -29.31 12.20
N GLU C 86 -6.65 -30.23 12.38
CA GLU C 86 -6.68 -31.43 11.53
C GLU C 86 -7.14 -31.10 10.11
N SER C 87 -7.26 -29.82 9.78
CA SER C 87 -7.50 -29.39 8.41
C SER C 87 -6.99 -27.96 8.22
N ASN C 88 -6.76 -27.61 6.96
CA ASN C 88 -6.33 -26.27 6.58
C ASN C 88 -7.44 -25.58 5.80
N TYR C 89 -7.62 -24.29 6.06
CA TYR C 89 -8.76 -23.55 5.52
C TYR C 89 -8.29 -22.28 4.80
N LEU C 90 -9.05 -21.88 3.79
CA LEU C 90 -8.86 -20.63 3.08
C LEU C 90 -10.21 -19.96 2.90
N PHE C 91 -10.34 -18.71 3.31
CA PHE C 91 -11.61 -18.04 3.18
C PHE C 91 -11.47 -16.89 2.22
N LEU C 92 -12.27 -16.92 1.16
CA LEU C 92 -12.17 -15.86 0.15
C LEU C 92 -12.95 -14.56 0.42
N GLY C 93 -12.78 -13.88 1.51
CA GLY C 93 -13.47 -12.63 1.70
C GLY C 93 -14.96 -12.52 1.99
N ASP C 94 -15.45 -11.31 2.33
CA ASP C 94 -16.89 -11.05 2.57
C ASP C 94 -17.43 -11.82 3.70
N TYR C 95 -17.08 -11.39 4.91
CA TYR C 95 -17.58 -12.05 6.09
C TYR C 95 -18.39 -11.08 6.93
N VAL C 96 -18.59 -9.87 6.44
CA VAL C 96 -19.30 -8.87 7.21
C VAL C 96 -20.43 -8.29 6.38
N ASP C 97 -21.39 -7.62 7.02
CA ASP C 97 -22.56 -6.99 6.34
C ASP C 97 -23.73 -7.90 6.10
N ARG C 98 -24.95 -7.35 6.10
CA ARG C 98 -26.17 -8.11 5.80
C ARG C 98 -26.65 -9.09 6.86
N GLY C 99 -25.82 -10.04 7.25
CA GLY C 99 -26.18 -10.99 8.29
C GLY C 99 -26.26 -10.36 9.66
N LYS C 100 -27.04 -10.97 10.54
CA LYS C 100 -27.25 -10.38 11.85
C LYS C 100 -26.12 -10.57 12.84
N GLN C 101 -25.47 -11.73 12.82
CA GLN C 101 -24.36 -12.00 13.73
C GLN C 101 -23.06 -11.90 12.95
N SER C 102 -22.47 -10.71 12.96
CA SER C 102 -21.24 -10.46 12.22
C SER C 102 -20.01 -10.34 13.11
N LEU C 103 -20.13 -9.73 14.28
CA LEU C 103 -18.99 -9.62 15.19
C LEU C 103 -18.54 -11.00 15.64
N GLU C 104 -19.49 -11.90 15.93
CA GLU C 104 -19.14 -13.25 16.32
C GLU C 104 -18.49 -14.00 15.16
N THR C 105 -18.96 -13.76 13.93
CA THR C 105 -18.42 -14.47 12.78
C THR C 105 -16.98 -14.06 12.51
N ILE C 106 -16.70 -12.76 12.47
CA ILE C 106 -15.37 -12.29 12.13
C ILE C 106 -14.38 -12.58 13.26
N CYS C 107 -14.87 -12.59 14.51
CA CYS C 107 -13.96 -12.84 15.63
C CYS C 107 -13.44 -14.27 15.61
N LEU C 108 -14.29 -15.23 15.29
CA LEU C 108 -13.84 -16.62 15.23
C LEU C 108 -12.86 -16.84 14.08
N LEU C 109 -13.14 -16.27 12.92
CA LEU C 109 -12.24 -16.41 11.78
C LEU C 109 -10.89 -15.77 12.07
N LEU C 110 -10.91 -14.62 12.75
CA LEU C 110 -9.66 -13.94 13.08
C LEU C 110 -8.89 -14.69 14.16
N ALA C 111 -9.58 -15.52 14.94
CA ALA C 111 -8.92 -16.25 16.01
C ALA C 111 -8.08 -17.40 15.47
N TYR C 112 -8.61 -18.14 14.49
CA TYR C 112 -7.87 -19.26 13.93
C TYR C 112 -6.70 -18.80 13.07
N LYS C 113 -6.73 -17.56 12.57
CA LYS C 113 -5.59 -17.04 11.82
C LYS C 113 -4.39 -16.81 12.74
N ILE C 114 -4.63 -16.32 13.95
CA ILE C 114 -3.55 -16.04 14.87
C ILE C 114 -2.91 -17.35 15.35
N LYS C 115 -3.74 -18.30 15.76
CA LYS C 115 -3.23 -19.55 16.32
C LYS C 115 -2.73 -20.57 15.30
N TYR C 116 -3.08 -20.41 14.04
CA TYR C 116 -2.65 -21.33 12.99
C TYR C 116 -2.24 -20.53 11.76
N PRO C 117 -1.15 -19.76 11.85
CA PRO C 117 -0.75 -18.91 10.72
C PRO C 117 -0.42 -19.69 9.45
N GLU C 118 0.14 -20.89 9.58
CA GLU C 118 0.54 -21.67 8.42
C GLU C 118 -0.53 -22.64 7.93
N ASN C 119 -1.68 -22.70 8.61
CA ASN C 119 -2.77 -23.55 8.19
C ASN C 119 -4.09 -22.82 7.99
N PHE C 120 -4.20 -21.57 8.45
CA PHE C 120 -5.40 -20.77 8.32
C PHE C 120 -5.06 -19.51 7.54
N PHE C 121 -5.90 -19.17 6.56
CA PHE C 121 -5.63 -18.02 5.70
C PHE C 121 -6.94 -17.35 5.32
N LEU C 122 -6.92 -16.02 5.25
CA LEU C 122 -8.08 -15.21 4.88
C LEU C 122 -7.66 -14.21 3.81
N LEU C 123 -8.47 -14.11 2.75
CA LEU C 123 -8.27 -13.14 1.70
C LEU C 123 -9.08 -11.88 2.00
N ARG C 124 -9.17 -10.99 1.01
CA ARG C 124 -9.90 -9.73 1.13
C ARG C 124 -11.09 -9.70 0.19
N GLY C 125 -12.24 -9.17 0.62
CA GLY C 125 -13.36 -9.06 -0.28
C GLY C 125 -13.85 -7.66 -0.38
N ASN C 126 -14.86 -7.41 -1.21
CA ASN C 126 -15.41 -6.08 -1.39
C ASN C 126 -15.94 -5.38 -0.17
N HIS C 127 -16.51 -6.07 0.80
CA HIS C 127 -17.16 -5.44 1.93
C HIS C 127 -16.23 -5.19 2.98
N GLU C 128 -14.95 -5.27 2.65
CA GLU C 128 -13.91 -4.95 3.62
C GLU C 128 -13.48 -3.50 3.47
N CYS C 129 -14.18 -2.71 2.65
CA CYS C 129 -13.90 -1.29 2.56
C CYS C 129 -14.56 -0.53 3.70
N ALA C 130 -13.96 0.60 4.09
CA ALA C 130 -14.58 1.44 5.10
C ALA C 130 -15.89 2.06 4.62
N SER C 131 -16.07 2.21 3.30
CA SER C 131 -17.26 2.83 2.77
C SER C 131 -18.39 1.84 2.47
N ILE C 132 -18.06 0.63 2.02
CA ILE C 132 -19.09 -0.31 1.62
C ILE C 132 -19.84 -0.82 2.84
N ASN C 133 -19.14 -1.09 3.94
CA ASN C 133 -19.81 -1.58 5.15
C ASN C 133 -20.64 -0.49 5.83
N ARG C 134 -20.48 0.77 5.45
CA ARG C 134 -21.33 1.82 5.97
C ARG C 134 -22.78 1.63 5.54
N ILE C 135 -22.98 1.31 4.26
CA ILE C 135 -24.34 1.21 3.71
C ILE C 135 -24.98 -0.10 4.11
N TYR C 136 -24.23 -1.20 4.09
CA TYR C 136 -24.80 -2.53 4.06
C TYR C 136 -24.86 -3.21 5.43
N GLY C 137 -24.86 -2.45 6.52
CA GLY C 137 -25.24 -2.98 7.81
C GLY C 137 -24.15 -3.19 8.82
N PHE C 138 -22.90 -3.42 8.39
CA PHE C 138 -21.83 -3.61 9.36
C PHE C 138 -21.62 -2.35 10.20
N TYR C 139 -21.92 -1.19 9.62
CA TYR C 139 -21.80 0.06 10.37
C TYR C 139 -22.80 0.11 11.51
N ASP C 140 -24.02 -0.38 11.29
CA ASP C 140 -25.04 -0.33 12.33
C ASP C 140 -24.74 -1.30 13.47
N GLU C 141 -24.25 -2.50 13.14
CA GLU C 141 -24.02 -3.51 14.17
C GLU C 141 -22.95 -3.04 15.16
N CYS C 142 -21.92 -2.35 14.66
CA CYS C 142 -20.89 -1.85 15.56
C CYS C 142 -21.45 -0.82 16.54
N LYS C 143 -22.44 -0.04 16.11
CA LYS C 143 -22.98 1.01 16.97
C LYS C 143 -23.68 0.42 18.19
N ARG C 144 -24.65 -0.46 17.96
CA ARG C 144 -25.51 -0.94 19.03
C ARG C 144 -24.78 -1.92 19.95
N ARG C 145 -23.85 -2.69 19.42
CA ARG C 145 -23.22 -3.73 20.24
C ARG C 145 -22.06 -3.18 21.07
N TYR C 146 -21.01 -2.70 20.41
CA TYR C 146 -19.79 -2.34 21.14
C TYR C 146 -19.47 -0.86 21.10
N ASN C 147 -19.24 -0.29 19.91
CA ASN C 147 -18.71 1.08 19.83
C ASN C 147 -18.56 1.57 18.40
N ILE C 148 -18.21 2.85 18.26
CA ILE C 148 -17.90 3.43 16.95
C ILE C 148 -16.42 3.30 16.63
N LYS C 149 -15.55 3.42 17.64
CA LYS C 149 -14.12 3.28 17.41
C LYS C 149 -13.74 1.88 16.99
N LEU C 150 -14.44 0.86 17.53
CA LEU C 150 -14.12 -0.52 17.21
C LEU C 150 -14.36 -0.81 15.73
N TRP C 151 -15.31 -0.10 15.11
CA TRP C 151 -15.52 -0.26 13.67
C TRP C 151 -14.32 0.24 12.88
N LYS C 152 -13.68 1.31 13.35
CA LYS C 152 -12.50 1.83 12.65
C LYS C 152 -11.32 0.88 12.78
N THR C 153 -11.26 0.14 13.88
CA THR C 153 -10.19 -0.86 14.04
C THR C 153 -10.31 -1.95 12.99
N PHE C 154 -11.52 -2.39 12.70
CA PHE C 154 -11.71 -3.46 11.72
C PHE C 154 -11.28 -3.02 10.32
N THR C 155 -11.69 -1.82 9.91
CA THR C 155 -11.35 -1.38 8.55
C THR C 155 -9.86 -1.11 8.42
N ASP C 156 -9.18 -0.80 9.52
CA ASP C 156 -7.72 -0.73 9.50
C ASP C 156 -7.11 -2.10 9.27
N CYS C 157 -7.65 -3.13 9.92
CA CYS C 157 -7.15 -4.48 9.74
C CYS C 157 -7.50 -5.02 8.35
N PHE C 158 -8.68 -4.66 7.84
CA PHE C 158 -9.09 -5.15 6.53
C PHE C 158 -8.17 -4.63 5.43
N ASN C 159 -7.48 -3.52 5.66
CA ASN C 159 -6.60 -2.96 4.64
C ASN C 159 -5.37 -3.84 4.38
N CYS C 160 -4.95 -4.62 5.37
CA CYS C 160 -3.73 -5.41 5.27
C CYS C 160 -3.97 -6.84 4.78
N LEU C 161 -5.20 -7.17 4.44
CA LEU C 161 -5.49 -8.52 3.99
C LEU C 161 -4.80 -8.81 2.66
N PRO C 162 -4.32 -10.04 2.45
CA PRO C 162 -3.80 -10.41 1.14
C PRO C 162 -4.88 -10.36 0.09
N ILE C 163 -4.50 -10.01 -1.13
CA ILE C 163 -5.45 -9.82 -2.21
C ILE C 163 -5.73 -11.12 -2.95
N ALA C 164 -4.71 -11.92 -3.20
CA ALA C 164 -4.86 -13.17 -3.92
C ALA C 164 -3.97 -14.23 -3.28
N ALA C 165 -4.13 -15.47 -3.74
CA ALA C 165 -3.32 -16.58 -3.25
C ALA C 165 -3.19 -17.62 -4.36
N ILE C 166 -2.13 -18.41 -4.25
CA ILE C 166 -1.85 -19.48 -5.20
C ILE C 166 -1.65 -20.78 -4.43
N VAL C 167 -2.32 -21.84 -4.88
CA VAL C 167 -2.28 -23.12 -4.20
C VAL C 167 -1.57 -24.13 -5.11
N ASP C 168 -0.44 -24.65 -4.62
CA ASP C 168 0.33 -25.68 -5.33
C ASP C 168 0.67 -25.23 -6.75
N GLU C 169 0.89 -23.93 -6.91
CA GLU C 169 1.25 -23.31 -8.19
C GLU C 169 0.26 -23.67 -9.30
N LYS C 170 -0.96 -24.06 -8.94
CA LYS C 170 -1.98 -24.41 -9.92
C LYS C 170 -3.30 -23.69 -9.69
N ILE C 171 -3.67 -23.45 -8.44
CA ILE C 171 -4.95 -22.83 -8.09
C ILE C 171 -4.81 -21.38 -7.75
N PHE C 172 -5.60 -20.54 -8.38
CA PHE C 172 -5.56 -19.09 -8.15
C PHE C 172 -6.84 -18.70 -7.41
N CYS C 173 -6.67 -18.10 -6.25
CA CYS C 173 -7.80 -17.76 -5.36
C CYS C 173 -7.87 -16.25 -5.19
N CYS C 174 -9.01 -15.66 -5.60
CA CYS C 174 -9.32 -14.24 -5.43
C CYS C 174 -10.83 -14.11 -5.17
N HIS C 175 -11.29 -13.14 -4.37
CA HIS C 175 -12.73 -12.89 -4.21
C HIS C 175 -13.52 -12.45 -5.41
N GLY C 176 -13.05 -11.47 -6.12
CA GLY C 176 -13.76 -10.97 -7.21
C GLY C 176 -13.44 -11.56 -8.52
N GLY C 177 -12.21 -11.51 -8.95
CA GLY C 177 -11.92 -11.90 -10.32
C GLY C 177 -10.71 -11.22 -10.94
N LEU C 178 -10.47 -11.32 -12.26
CA LEU C 178 -9.23 -10.83 -12.85
C LEU C 178 -9.34 -9.33 -13.09
N SER C 179 -8.30 -8.75 -13.69
CA SER C 179 -8.24 -7.34 -14.03
C SER C 179 -7.55 -7.20 -15.37
N PRO C 180 -7.91 -6.19 -16.16
CA PRO C 180 -7.19 -5.98 -17.43
C PRO C 180 -5.75 -5.56 -17.23
N ASP C 181 -5.38 -5.07 -16.06
CA ASP C 181 -4.01 -4.66 -15.76
C ASP C 181 -3.15 -5.80 -15.25
N LEU C 182 -3.69 -7.01 -15.15
CA LEU C 182 -2.97 -8.16 -14.61
C LEU C 182 -2.36 -8.94 -15.77
N GLN C 183 -1.06 -8.77 -15.98
CA GLN C 183 -0.31 -9.56 -16.95
C GLN C 183 0.75 -10.43 -16.30
N SER C 184 0.93 -10.34 -14.98
CA SER C 184 1.90 -11.13 -14.25
C SER C 184 1.61 -11.05 -12.76
N MET C 185 1.79 -12.15 -12.03
CA MET C 185 1.62 -12.09 -10.59
C MET C 185 2.63 -11.18 -9.91
N GLU C 186 3.66 -10.75 -10.64
CA GLU C 186 4.64 -9.83 -10.08
C GLU C 186 3.99 -8.51 -9.68
N GLN C 187 3.00 -8.06 -10.44
CA GLN C 187 2.33 -6.80 -10.12
C GLN C 187 1.61 -6.88 -8.78
N ILE C 188 0.95 -8.01 -8.50
CA ILE C 188 0.23 -8.17 -7.24
C ILE C 188 1.17 -8.05 -6.06
N ARG C 189 2.39 -8.57 -6.19
CA ARG C 189 3.38 -8.47 -5.12
C ARG C 189 3.95 -7.07 -4.99
N ARG C 190 3.73 -6.20 -5.98
CA ARG C 190 4.19 -4.81 -5.91
C ARG C 190 3.14 -3.89 -5.31
N ILE C 191 1.94 -4.38 -5.02
CA ILE C 191 0.92 -3.56 -4.40
C ILE C 191 1.34 -3.22 -2.98
N MET C 192 1.23 -1.95 -2.61
CA MET C 192 1.65 -1.46 -1.31
C MET C 192 0.46 -1.42 -0.36
N ARG C 193 0.66 -1.94 0.85
CA ARG C 193 -0.36 -1.95 1.89
C ARG C 193 0.23 -1.41 3.18
N PRO C 194 -0.59 -0.86 4.10
CA PRO C 194 -2.05 -0.74 4.11
C PRO C 194 -2.61 0.13 2.99
N THR C 195 -3.65 -0.36 2.33
CA THR C 195 -4.24 0.30 1.18
C THR C 195 -5.76 0.24 1.26
N ASP C 196 -6.41 1.18 0.59
CA ASP C 196 -7.86 1.20 0.46
C ASP C 196 -8.22 0.98 -1.00
N VAL C 197 -9.33 0.27 -1.21
CA VAL C 197 -9.76 -0.08 -2.57
C VAL C 197 -10.18 1.19 -3.29
N PRO C 198 -9.58 1.51 -4.43
CA PRO C 198 -9.98 2.73 -5.16
C PRO C 198 -11.14 2.48 -6.11
N ASP C 199 -11.63 3.53 -6.75
CA ASP C 199 -12.73 3.37 -7.70
C ASP C 199 -12.27 2.62 -8.95
N GLN C 200 -11.02 2.80 -9.35
CA GLN C 200 -10.47 2.12 -10.50
C GLN C 200 -9.02 1.73 -10.22
N GLY C 201 -8.54 0.74 -10.95
CA GLY C 201 -7.17 0.29 -10.85
C GLY C 201 -7.10 -1.22 -10.88
N LEU C 202 -5.91 -1.74 -10.59
CA LEU C 202 -5.72 -3.19 -10.54
C LEU C 202 -6.34 -3.78 -9.28
N LEU C 203 -6.12 -3.13 -8.13
CA LEU C 203 -6.63 -3.66 -6.86
C LEU C 203 -8.11 -3.79 -6.87
N CYS C 204 -8.79 -2.70 -7.24
CA CYS C 204 -10.24 -2.68 -7.22
C CYS C 204 -10.86 -3.85 -7.94
N ASP C 205 -10.35 -4.17 -9.11
CA ASP C 205 -10.97 -5.22 -9.89
C ASP C 205 -10.93 -6.55 -9.17
N LEU C 206 -9.87 -6.82 -8.44
CA LEU C 206 -9.76 -8.07 -7.70
C LEU C 206 -10.73 -8.22 -6.52
N LEU C 207 -11.20 -7.12 -5.92
CA LEU C 207 -12.10 -7.24 -4.84
C LEU C 207 -13.49 -6.96 -5.37
N TRP C 208 -13.63 -6.57 -6.63
CA TRP C 208 -14.91 -6.19 -7.22
C TRP C 208 -15.37 -6.72 -8.52
N SER C 209 -14.57 -7.41 -9.26
CA SER C 209 -15.05 -7.83 -10.54
C SER C 209 -15.85 -9.06 -10.49
N ASP C 210 -16.52 -9.38 -11.54
CA ASP C 210 -17.23 -10.59 -11.58
C ASP C 210 -17.46 -11.16 -12.92
N PRO C 211 -17.35 -12.43 -13.03
CA PRO C 211 -17.48 -12.95 -14.37
C PRO C 211 -18.85 -12.81 -14.85
N ASP C 212 -19.01 -12.50 -16.12
CA ASP C 212 -20.30 -12.46 -16.67
C ASP C 212 -20.11 -13.16 -17.97
N LYS C 213 -20.96 -14.11 -18.26
CA LYS C 213 -20.81 -14.88 -19.49
C LYS C 213 -21.08 -14.16 -20.77
N ASP C 214 -22.06 -13.28 -20.82
CA ASP C 214 -22.47 -12.66 -22.09
C ASP C 214 -21.38 -11.86 -22.75
N VAL C 215 -20.60 -11.16 -21.94
CA VAL C 215 -19.53 -10.36 -22.47
C VAL C 215 -18.42 -11.22 -23.00
N LEU C 216 -18.18 -11.21 -24.31
CA LEU C 216 -17.03 -11.98 -24.79
C LEU C 216 -15.72 -11.38 -24.28
N GLY C 217 -15.65 -10.06 -24.18
CA GLY C 217 -14.45 -9.39 -23.72
C GLY C 217 -14.60 -8.83 -22.32
N TRP C 218 -14.84 -7.53 -22.23
CA TRP C 218 -15.04 -6.87 -20.95
C TRP C 218 -16.27 -5.98 -21.02
N GLY C 219 -16.94 -5.84 -19.88
CA GLY C 219 -18.14 -5.02 -19.81
C GLY C 219 -18.38 -4.57 -18.39
N GLU C 220 -19.19 -3.53 -18.26
CA GLU C 220 -19.44 -2.91 -16.96
C GLU C 220 -20.37 -3.79 -16.12
N ASN C 221 -20.10 -3.85 -14.81
CA ASN C 221 -21.01 -4.51 -13.88
C ASN C 221 -22.34 -3.75 -13.80
N ASP C 222 -23.35 -4.44 -13.28
CA ASP C 222 -24.59 -3.75 -12.92
C ASP C 222 -24.33 -2.71 -11.83
N ARG C 223 -23.51 -3.05 -10.85
CA ARG C 223 -23.02 -2.06 -9.91
C ARG C 223 -22.01 -1.15 -10.59
N GLY C 224 -21.75 0.00 -9.97
CA GLY C 224 -20.95 1.03 -10.62
C GLY C 224 -19.59 1.27 -10.00
N VAL C 225 -18.87 0.21 -9.65
CA VAL C 225 -17.54 0.33 -9.06
C VAL C 225 -16.47 -0.23 -9.97
N SER C 226 -16.75 -1.34 -10.67
CA SER C 226 -15.78 -1.93 -11.57
C SER C 226 -16.54 -2.58 -12.73
N PHE C 227 -15.86 -3.43 -13.48
CA PHE C 227 -16.42 -3.99 -14.70
C PHE C 227 -16.10 -5.48 -14.81
N THR C 228 -16.92 -6.18 -15.58
CA THR C 228 -16.91 -7.64 -15.67
C THR C 228 -15.77 -8.10 -16.56
N PHE C 229 -15.77 -9.39 -16.88
CA PHE C 229 -14.90 -9.96 -17.90
C PHE C 229 -15.60 -11.19 -18.48
N GLY C 230 -14.88 -11.95 -19.30
CA GLY C 230 -15.52 -13.05 -20.01
C GLY C 230 -14.79 -14.38 -19.90
N ALA C 231 -15.22 -15.35 -20.72
CA ALA C 231 -14.62 -16.68 -20.67
C ALA C 231 -13.25 -16.72 -21.33
N GLU C 232 -12.98 -15.83 -22.28
CA GLU C 232 -11.69 -15.83 -22.94
C GLU C 232 -10.62 -15.21 -22.06
N VAL C 233 -11.01 -14.31 -21.16
CA VAL C 233 -10.02 -13.63 -20.32
C VAL C 233 -9.38 -14.62 -19.34
N VAL C 234 -10.19 -15.47 -18.71
CA VAL C 234 -9.65 -16.41 -17.74
C VAL C 234 -8.75 -17.43 -18.41
N ALA C 235 -9.18 -17.98 -19.55
CA ALA C 235 -8.39 -19.00 -20.25
C ALA C 235 -7.01 -18.45 -20.62
N LYS C 236 -6.98 -17.28 -21.25
CA LYS C 236 -5.71 -16.67 -21.60
C LYS C 236 -4.89 -16.35 -20.35
N PHE C 237 -5.56 -16.13 -19.22
CA PHE C 237 -4.82 -15.95 -17.97
C PHE C 237 -4.25 -17.27 -17.47
N LEU C 238 -5.00 -18.37 -17.66
CA LEU C 238 -4.53 -19.66 -17.16
C LEU C 238 -3.41 -20.22 -18.04
N HIS C 239 -3.55 -20.12 -19.36
CA HIS C 239 -2.54 -20.68 -20.25
C HIS C 239 -1.23 -19.90 -20.18
N LYS C 240 -1.30 -18.59 -19.98
CA LYS C 240 -0.08 -17.79 -19.95
C LYS C 240 0.77 -18.10 -18.72
N HIS C 241 0.14 -18.15 -17.55
CA HIS C 241 0.85 -18.29 -16.29
C HIS C 241 0.89 -19.74 -15.80
N ASP C 242 0.37 -20.68 -16.58
CA ASP C 242 0.43 -22.11 -16.27
C ASP C 242 -0.27 -22.43 -14.94
N LEU C 243 -1.56 -22.13 -14.90
CA LEU C 243 -2.46 -22.55 -13.84
C LEU C 243 -3.59 -23.38 -14.44
N ASP C 244 -4.48 -23.82 -13.55
CA ASP C 244 -5.64 -24.55 -14.01
C ASP C 244 -6.95 -24.37 -13.27
N LEU C 245 -7.02 -23.57 -12.21
CA LEU C 245 -8.33 -23.26 -11.58
C LEU C 245 -8.38 -21.87 -10.98
N ILE C 246 -9.46 -21.12 -11.20
CA ILE C 246 -9.59 -19.84 -10.56
C ILE C 246 -10.75 -19.95 -9.62
N CYS C 247 -10.53 -19.83 -8.33
CA CYS C 247 -11.59 -20.05 -7.39
C CYS C 247 -12.12 -18.76 -6.92
N ARG C 248 -13.45 -18.57 -6.97
CA ARG C 248 -13.97 -17.28 -6.59
C ARG C 248 -15.16 -17.25 -5.63
N ALA C 249 -15.50 -16.10 -5.09
CA ALA C 249 -16.63 -15.93 -4.20
C ALA C 249 -17.50 -14.79 -4.68
N HIS C 250 -17.70 -13.72 -3.88
CA HIS C 250 -18.42 -12.45 -4.28
C HIS C 250 -19.88 -12.46 -4.44
N GLN C 251 -20.37 -13.26 -5.34
CA GLN C 251 -21.75 -13.33 -5.67
C GLN C 251 -22.59 -14.34 -4.87
N VAL C 252 -23.85 -14.56 -5.26
CA VAL C 252 -24.73 -15.53 -4.63
C VAL C 252 -25.23 -16.55 -5.59
N VAL C 253 -24.89 -17.80 -5.39
CA VAL C 253 -25.36 -18.92 -6.19
C VAL C 253 -26.33 -19.76 -5.37
N GLU C 254 -27.21 -20.46 -6.08
CA GLU C 254 -28.27 -21.23 -5.40
C GLU C 254 -27.71 -22.50 -4.79
N ASP C 255 -26.82 -23.20 -5.48
CA ASP C 255 -26.36 -24.51 -5.06
C ASP C 255 -25.09 -24.46 -4.21
N GLY C 256 -24.60 -23.28 -3.89
CA GLY C 256 -23.38 -23.17 -3.10
C GLY C 256 -22.11 -23.09 -3.93
N TYR C 257 -21.99 -23.94 -4.93
CA TYR C 257 -20.84 -23.94 -5.79
C TYR C 257 -21.34 -23.98 -7.22
N GLU C 258 -20.79 -23.14 -8.07
CA GLU C 258 -21.14 -23.15 -9.47
C GLU C 258 -19.89 -23.05 -10.33
N PHE C 259 -19.93 -23.62 -11.52
CA PHE C 259 -18.76 -23.64 -12.34
C PHE C 259 -18.87 -22.74 -13.55
N PHE C 260 -17.87 -21.89 -13.76
CA PHE C 260 -17.86 -20.97 -14.89
C PHE C 260 -16.77 -21.18 -15.93
N ALA C 261 -17.11 -21.18 -17.21
CA ALA C 261 -16.11 -21.28 -18.27
C ALA C 261 -15.40 -22.64 -18.23
N LYS C 262 -16.15 -23.70 -18.39
CA LYS C 262 -15.56 -25.03 -18.42
C LYS C 262 -14.76 -25.40 -17.17
N ARG C 263 -15.16 -24.93 -16.00
CA ARG C 263 -14.56 -25.31 -14.69
C ARG C 263 -13.36 -24.60 -14.32
N GLN C 264 -12.88 -23.81 -15.21
CA GLN C 264 -11.65 -23.23 -14.92
C GLN C 264 -11.90 -22.24 -13.87
N LEU C 265 -13.13 -21.83 -13.80
CA LEU C 265 -13.44 -20.92 -12.70
C LEU C 265 -14.66 -21.42 -11.96
N VAL C 266 -14.52 -21.61 -10.63
CA VAL C 266 -15.60 -22.12 -9.79
C VAL C 266 -15.85 -21.14 -8.71
N THR C 267 -17.11 -20.84 -8.47
CA THR C 267 -17.53 -19.90 -7.44
C THR C 267 -18.14 -20.64 -6.28
N LEU C 268 -17.79 -20.20 -5.09
CA LEU C 268 -18.22 -20.87 -3.91
C LEU C 268 -18.90 -19.93 -2.97
N PHE C 269 -20.14 -20.22 -2.60
CA PHE C 269 -20.88 -19.40 -1.67
C PHE C 269 -21.45 -20.31 -0.60
N SER C 270 -21.01 -19.98 0.62
CA SER C 270 -21.33 -20.81 1.76
C SER C 270 -22.24 -20.31 2.87
N ALA C 271 -23.09 -19.33 2.62
CA ALA C 271 -24.05 -18.88 3.62
C ALA C 271 -25.45 -19.19 3.15
N PRO C 272 -26.00 -20.39 3.52
CA PRO C 272 -27.35 -20.62 3.01
C PRO C 272 -28.41 -19.69 3.58
N ASN C 273 -29.60 -19.67 2.97
CA ASN C 273 -30.70 -18.85 3.48
C ASN C 273 -30.24 -17.43 3.65
N TYR C 274 -29.59 -16.89 2.64
CA TYR C 274 -29.03 -15.55 2.72
C TYR C 274 -29.87 -14.41 3.29
N CYS C 275 -29.41 -13.81 4.39
CA CYS C 275 -30.09 -12.65 5.01
C CYS C 275 -31.55 -12.90 5.34
N GLY C 276 -31.99 -14.15 5.24
CA GLY C 276 -33.36 -14.50 5.51
C GLY C 276 -34.34 -14.29 4.37
N GLU C 277 -33.89 -14.28 3.11
CA GLU C 277 -34.84 -14.15 2.01
C GLU C 277 -34.40 -14.94 0.77
N PHE C 278 -33.48 -15.88 0.92
CA PHE C 278 -32.98 -16.66 -0.21
C PHE C 278 -33.09 -18.15 0.11
N ASP C 279 -33.17 -18.96 -0.95
CA ASP C 279 -33.23 -20.41 -0.85
C ASP C 279 -31.92 -21.07 -1.24
N ASN C 280 -30.82 -20.29 -1.24
CA ASN C 280 -29.54 -20.80 -1.67
C ASN C 280 -28.96 -21.79 -0.66
N ALA C 281 -28.06 -22.62 -1.14
CA ALA C 281 -27.35 -23.60 -0.32
C ALA C 281 -25.90 -23.17 -0.13
N GLY C 282 -25.22 -23.84 0.78
CA GLY C 282 -23.82 -23.56 1.05
C GLY C 282 -22.90 -24.68 0.62
N ALA C 283 -21.66 -24.34 0.28
CA ALA C 283 -20.71 -25.34 -0.19
C ALA C 283 -19.31 -24.97 0.28
N MET C 284 -18.40 -25.95 0.36
CA MET C 284 -17.02 -25.74 0.80
C MET C 284 -16.25 -26.71 -0.05
N MET C 285 -14.99 -26.46 -0.26
CA MET C 285 -14.26 -27.30 -1.15
C MET C 285 -13.06 -27.81 -0.44
N SER C 286 -12.71 -29.07 -0.63
CA SER C 286 -11.50 -29.56 -0.05
C SER C 286 -10.63 -29.97 -1.22
N VAL C 287 -9.31 -29.71 -1.17
CA VAL C 287 -8.37 -30.20 -2.20
C VAL C 287 -7.25 -31.02 -1.53
N ASP C 288 -6.93 -32.20 -2.03
CA ASP C 288 -5.94 -33.06 -1.41
C ASP C 288 -4.58 -32.88 -2.09
N GLU C 289 -3.64 -33.76 -1.76
CA GLU C 289 -2.31 -33.69 -2.37
C GLU C 289 -2.38 -33.90 -3.87
N THR C 290 -3.15 -34.84 -4.35
CA THR C 290 -3.14 -35.04 -5.80
C THR C 290 -3.97 -33.98 -6.47
N LEU C 291 -4.28 -32.93 -5.75
CA LEU C 291 -5.14 -31.86 -6.26
C LEU C 291 -6.53 -32.30 -6.69
N MET C 292 -7.13 -33.28 -6.02
CA MET C 292 -8.50 -33.66 -6.31
C MET C 292 -9.39 -32.75 -5.47
N CYS C 293 -10.39 -32.10 -6.06
CA CYS C 293 -11.19 -31.15 -5.31
C CYS C 293 -12.51 -31.78 -5.06
N SER C 294 -12.97 -31.73 -3.82
CA SER C 294 -14.20 -32.40 -3.51
C SER C 294 -15.07 -31.42 -2.81
N PHE C 295 -16.38 -31.55 -2.99
CA PHE C 295 -17.28 -30.55 -2.43
C PHE C 295 -18.17 -30.96 -1.30
N GLN C 296 -18.15 -30.20 -0.22
CA GLN C 296 -18.94 -30.52 0.95
C GLN C 296 -20.10 -29.56 1.04
N ILE C 297 -21.27 -29.91 0.49
CA ILE C 297 -22.36 -28.95 0.40
C ILE C 297 -23.32 -28.94 1.54
N LEU C 298 -23.52 -27.77 2.13
CA LEU C 298 -24.39 -27.63 3.29
C LEU C 298 -25.83 -27.59 2.87
N LYS C 299 -26.72 -28.12 3.70
CA LYS C 299 -28.11 -28.19 3.32
C LYS C 299 -28.72 -26.81 3.21
N PRO C 300 -29.56 -26.58 2.19
CA PRO C 300 -30.21 -25.29 2.01
C PRO C 300 -30.97 -24.86 3.26
PG GCP D . 14.97 5.23 -4.33
O1G GCP D . 13.79 4.83 -3.53
O2G GCP D . 15.27 4.15 -5.47
O3G GCP D . 16.27 5.30 -3.39
C3B GCP D . 14.70 6.84 -5.10
PB GCP D . 13.04 7.55 -4.91
O1B GCP D . 13.07 8.94 -5.41
O2B GCP D . 11.98 6.74 -5.79
O3A GCP D . 12.58 7.59 -3.37
PA GCP D . 11.06 7.26 -2.96
O1A GCP D . 10.98 5.80 -2.56
O2A GCP D . 10.14 7.80 -4.02
O5' GCP D . 10.84 8.14 -1.64
C5' GCP D . 9.68 7.95 -0.85
C4' GCP D . 9.49 9.18 0.03
O4' GCP D . 9.43 10.37 -0.76
C3' GCP D . 8.19 9.08 0.82
O3' GCP D . 8.49 8.89 2.21
C2' GCP D . 7.50 10.42 0.62
O2' GCP D . 7.28 11.06 1.88
C1' GCP D . 8.44 11.26 -0.23
N9 GCP D . 7.70 11.93 -1.32
C8 GCP D . 7.66 11.54 -2.60
N7 GCP D . 6.90 12.38 -3.36
C5 GCP D . 6.44 13.34 -2.55
C6 GCP D . 5.58 14.54 -2.69
O6 GCP D . 5.10 14.85 -3.79
N1 GCP D . 5.35 15.28 -1.60
C2 GCP D . 5.87 14.97 -0.40
N2 GCP D . 5.57 15.78 0.64
N3 GCP D . 6.65 13.89 -0.19
C4 GCP D . 6.98 13.05 -1.20
MG MG E . 12.69 4.25 -5.97
MN MN F . -18.24 -9.76 -2.42
MN MN G . -20.94 -11.28 -1.33
#